data_4XI8
#
_entry.id   4XI8
#
_cell.length_a   99.270
_cell.length_b   122.860
_cell.length_c   143.710
_cell.angle_alpha   90.000
_cell.angle_beta   90.000
_cell.angle_gamma   90.000
#
_symmetry.space_group_name_H-M   'P 21 21 2'
#
loop_
_entity.id
_entity.type
_entity.pdbx_description
1 polymer 'Bartonella effector protein (Bep) substrate of VirB T4SS'
2 non-polymer 1,2-ETHANEDIOL
3 water water
#
_entity_poly.entity_id   1
_entity_poly.type   'polypeptide(L)'
_entity_poly.pdbx_seq_one_letter_code
;MAHHHHHHMISFYGYTHFDGRTLKNKYGMQGKALQERCAYDLLQAMLNLRKEPLPEKFDSSYLKYLHQRLYEKMFEWAGC
TCDTPFTFSDGTVTKVPINNKIKEGLKRIDQILAEKNNFQGLSRKEFIHEVSTVFILLNKIRPFMVGNKYVQRIFFEQIA
EAAGHKLDFSVVTEKRMQFAIHAALSFDGNNNRGNITPMLHLFEDISNPEKVGILKEFMIYI
;
_entity_poly.pdbx_strand_id   A,B,C,D,E,F
#
loop_
_chem_comp.id
_chem_comp.type
_chem_comp.name
_chem_comp.formula
EDO non-polymer 1,2-ETHANEDIOL 'C2 H6 O2'
#
# COMPACT_ATOMS: atom_id res chain seq x y z
N ALA A 2 23.54 23.30 -9.17
CA ALA A 2 22.28 22.66 -9.48
C ALA A 2 22.39 21.14 -9.41
N HIS A 3 23.40 20.67 -8.67
CA HIS A 3 23.63 19.24 -8.43
C HIS A 3 23.93 18.46 -9.71
N HIS A 4 24.25 17.17 -9.55
CA HIS A 4 24.58 16.29 -10.66
C HIS A 4 24.67 14.84 -10.21
N HIS A 5 24.26 13.91 -11.08
CA HIS A 5 24.24 12.48 -10.77
C HIS A 5 23.54 12.25 -9.44
N HIS A 6 22.21 12.31 -9.47
CA HIS A 6 21.36 12.25 -8.29
C HIS A 6 21.58 13.54 -7.51
N HIS A 7 20.63 13.93 -6.68
CA HIS A 7 20.71 15.26 -6.10
C HIS A 7 21.25 15.29 -4.68
N HIS A 8 22.36 16.00 -4.51
CA HIS A 8 22.93 16.27 -3.20
C HIS A 8 22.20 17.47 -2.64
N MET A 9 21.50 18.17 -3.53
CA MET A 9 20.75 19.36 -3.19
C MET A 9 19.52 18.95 -2.38
N ILE A 10 18.83 17.90 -2.80
CA ILE A 10 17.69 17.39 -2.06
C ILE A 10 18.13 16.85 -0.70
N SER A 11 19.35 16.32 -0.66
CA SER A 11 19.89 15.77 0.57
C SER A 11 20.36 16.87 1.53
N PHE A 12 20.93 17.94 0.98
CA PHE A 12 21.45 19.02 1.79
C PHE A 12 20.36 19.80 2.50
N TYR A 13 19.23 20.01 1.83
CA TYR A 13 18.16 20.82 2.39
C TYR A 13 17.23 19.97 3.25
N GLY A 14 17.69 18.76 3.59
CA GLY A 14 17.02 17.91 4.55
C GLY A 14 15.69 17.33 4.12
N TYR A 15 15.63 16.82 2.89
CA TYR A 15 14.43 16.17 2.39
C TYR A 15 14.60 14.65 2.34
N THR A 16 15.83 14.18 2.50
CA THR A 16 16.11 12.74 2.42
C THR A 16 16.44 12.13 3.78
N HIS A 17 16.62 10.81 3.80
CA HIS A 17 17.01 10.09 5.00
C HIS A 17 18.52 10.16 5.23
N PHE A 18 18.99 9.49 6.28
CA PHE A 18 20.40 9.49 6.64
C PHE A 18 21.27 8.78 5.60
N ASP A 19 20.67 7.86 4.84
CA ASP A 19 21.38 7.19 3.75
C ASP A 19 21.89 8.21 2.73
N GLY A 20 21.05 9.19 2.39
CA GLY A 20 21.49 10.30 1.56
C GLY A 20 20.83 10.41 0.20
N ARG A 21 19.86 9.55 -0.07
CA ARG A 21 19.24 9.53 -1.40
C ARG A 21 17.76 9.15 -1.36
N THR A 22 17.29 8.73 -0.18
CA THR A 22 15.91 8.28 -0.04
C THR A 22 15.03 9.36 0.57
N LEU A 23 14.06 9.82 -0.21
CA LEU A 23 13.13 10.86 0.24
C LEU A 23 12.31 10.41 1.44
N LYS A 24 12.17 11.30 2.41
CA LYS A 24 11.33 11.04 3.58
C LYS A 24 9.87 10.89 3.15
N ASN A 25 9.33 9.69 3.29
CA ASN A 25 7.97 9.40 2.85
C ASN A 25 7.12 8.87 3.97
N LYS A 26 5.80 8.89 3.78
CA LYS A 26 4.88 8.47 4.83
C LYS A 26 4.77 6.95 4.95
N TYR A 27 5.27 6.23 3.96
CA TYR A 27 5.22 4.77 3.98
C TYR A 27 6.47 4.18 4.65
N GLY A 28 7.56 4.95 4.66
CA GLY A 28 8.80 4.48 5.22
C GLY A 28 9.50 3.47 4.32
N MET A 29 9.31 3.61 3.02
CA MET A 29 9.90 2.69 2.06
C MET A 29 11.17 3.26 1.44
N GLN A 30 11.96 2.39 0.83
CA GLN A 30 13.21 2.80 0.20
C GLN A 30 13.48 1.98 -1.06
N GLY A 31 14.28 2.53 -1.97
CA GLY A 31 14.68 1.82 -3.16
C GLY A 31 13.58 1.65 -4.19
N LYS A 32 13.64 0.54 -4.92
CA LYS A 32 12.66 0.25 -5.98
C LYS A 32 11.23 0.19 -5.44
N ALA A 33 11.08 -0.26 -4.20
CA ALA A 33 9.76 -0.34 -3.56
C ALA A 33 9.16 1.05 -3.43
N LEU A 34 10.02 2.03 -3.15
CA LEU A 34 9.59 3.42 -3.01
C LEU A 34 9.15 3.98 -4.36
N GLN A 35 9.90 3.63 -5.40
CA GLN A 35 9.60 4.09 -6.75
C GLN A 35 8.27 3.53 -7.26
N GLU A 36 7.98 2.28 -6.92
CA GLU A 36 6.76 1.63 -7.35
C GLU A 36 5.52 2.25 -6.72
N ARG A 37 5.57 2.47 -5.40
CA ARG A 37 4.43 3.05 -4.69
C ARG A 37 4.19 4.50 -5.11
N CYS A 38 5.28 5.23 -5.36
CA CYS A 38 5.16 6.62 -5.78
C CYS A 38 4.51 6.72 -7.15
N ALA A 39 4.92 5.86 -8.07
CA ALA A 39 4.37 5.88 -9.42
C ALA A 39 2.90 5.45 -9.42
N TYR A 40 2.57 4.51 -8.53
CA TYR A 40 1.21 4.01 -8.42
C TYR A 40 0.27 5.07 -7.87
N ASP A 41 0.71 5.75 -6.81
CA ASP A 41 -0.10 6.80 -6.20
C ASP A 41 -0.20 8.02 -7.11
N LEU A 42 0.87 8.26 -7.87
CA LEU A 42 0.90 9.38 -8.81
C LEU A 42 -0.09 9.17 -9.96
N LEU A 43 -0.17 7.93 -10.44
CA LEU A 43 -1.09 7.59 -11.52
C LEU A 43 -2.54 7.69 -11.07
N GLN A 44 -2.79 7.27 -9.84
CA GLN A 44 -4.14 7.35 -9.27
C GLN A 44 -4.56 8.80 -9.11
N ALA A 45 -3.62 9.64 -8.69
CA ALA A 45 -3.88 11.06 -8.48
C ALA A 45 -4.21 11.78 -9.79
N MET A 46 -3.48 11.42 -10.85
CA MET A 46 -3.71 12.02 -12.16
C MET A 46 -5.09 11.66 -12.71
N LEU A 47 -5.52 10.43 -12.44
CA LEU A 47 -6.83 9.97 -12.86
C LEU A 47 -7.95 10.75 -12.18
N ASN A 48 -7.78 10.99 -10.88
CA ASN A 48 -8.76 11.74 -10.10
C ASN A 48 -8.81 13.21 -10.48
N LEU A 49 -7.67 13.75 -10.90
CA LEU A 49 -7.58 15.15 -11.31
C LEU A 49 -8.38 15.44 -12.57
N ARG A 50 -8.47 14.44 -13.45
CA ARG A 50 -9.22 14.60 -14.69
C ARG A 50 -10.73 14.55 -14.48
N LYS A 51 -11.16 13.84 -13.45
CA LYS A 51 -12.59 13.73 -13.15
C LYS A 51 -13.19 15.08 -12.76
N GLU A 52 -12.44 15.87 -11.99
CA GLU A 52 -12.90 17.20 -11.58
C GLU A 52 -12.75 18.18 -12.74
N PRO A 53 -13.68 19.15 -12.83
CA PRO A 53 -13.66 20.15 -13.91
C PRO A 53 -12.52 21.16 -13.78
N LEU A 54 -12.23 21.84 -14.88
CA LEU A 54 -11.16 22.85 -14.91
C LEU A 54 -11.55 24.04 -14.04
N PRO A 55 -10.54 24.66 -13.40
CA PRO A 55 -10.79 25.83 -12.55
C PRO A 55 -11.13 27.08 -13.35
N GLU A 56 -11.71 28.07 -12.69
CA GLU A 56 -12.07 29.32 -13.35
C GLU A 56 -10.86 30.22 -13.49
N LYS A 57 -9.91 30.11 -12.55
CA LYS A 57 -8.70 30.91 -12.59
C LYS A 57 -7.46 30.07 -12.34
N PHE A 58 -6.43 30.29 -13.15
CA PHE A 58 -5.16 29.59 -12.99
C PHE A 58 -4.13 30.49 -12.31
N ASP A 59 -3.72 30.09 -11.11
CA ASP A 59 -2.71 30.84 -10.37
C ASP A 59 -1.71 29.90 -9.70
N SER A 60 -0.80 30.48 -8.90
CA SER A 60 0.21 29.69 -8.20
C SER A 60 -0.41 28.80 -7.14
N SER A 61 -1.55 29.25 -6.59
CA SER A 61 -2.26 28.47 -5.59
C SER A 61 -2.78 27.16 -6.18
N TYR A 62 -3.29 27.23 -7.41
CA TYR A 62 -3.77 26.05 -8.10
C TYR A 62 -2.61 25.12 -8.45
N LEU A 63 -1.45 25.73 -8.72
CA LEU A 63 -0.24 24.95 -9.00
C LEU A 63 0.15 24.11 -7.79
N LYS A 64 0.07 24.72 -6.61
CA LYS A 64 0.33 24.01 -5.37
C LYS A 64 -0.73 22.94 -5.12
N TYR A 65 -1.96 23.22 -5.56
CA TYR A 65 -3.06 22.28 -5.44
C TYR A 65 -2.78 21.02 -6.25
N LEU A 66 -2.24 21.21 -7.46
CA LEU A 66 -1.87 20.08 -8.31
C LEU A 66 -0.77 19.25 -7.65
N HIS A 67 0.22 19.95 -7.10
CA HIS A 67 1.33 19.28 -6.43
C HIS A 67 0.86 18.56 -5.18
N GLN A 68 -0.16 19.13 -4.53
CA GLN A 68 -0.72 18.50 -3.34
C GLN A 68 -1.43 17.20 -3.68
N ARG A 69 -2.35 17.28 -4.65
CA ARG A 69 -3.15 16.12 -5.03
C ARG A 69 -2.30 14.96 -5.54
N LEU A 70 -1.16 15.29 -6.14
CA LEU A 70 -0.28 14.28 -6.71
C LEU A 70 0.56 13.56 -5.65
N TYR A 71 0.99 14.29 -4.62
CA TYR A 71 1.94 13.74 -3.67
C TYR A 71 1.48 13.77 -2.21
N GLU A 72 0.19 13.97 -1.97
CA GLU A 72 -0.30 14.07 -0.59
C GLU A 72 -0.25 12.73 0.13
N LYS A 73 -0.33 11.64 -0.64
CA LYS A 73 -0.26 10.30 -0.07
C LYS A 73 1.19 9.86 0.05
N MET A 74 2.08 10.64 -0.57
CA MET A 74 3.48 10.29 -0.65
C MET A 74 4.36 11.09 0.30
N PHE A 75 4.24 12.42 0.23
CA PHE A 75 5.08 13.31 1.02
C PHE A 75 4.25 14.18 1.96
N GLU A 76 4.84 14.50 3.12
CA GLU A 76 4.18 15.35 4.10
CA GLU A 76 4.18 15.35 4.10
C GLU A 76 4.12 16.79 3.62
N TRP A 77 5.07 17.16 2.77
CA TRP A 77 5.17 18.52 2.22
C TRP A 77 4.50 18.64 0.87
N ALA A 78 3.33 18.02 0.73
CA ALA A 78 2.63 17.90 -0.55
C ALA A 78 2.45 19.23 -1.29
N GLY A 79 1.61 20.10 -0.76
CA GLY A 79 1.30 21.35 -1.42
C GLY A 79 2.19 22.50 -0.99
N CYS A 80 3.40 22.17 -0.56
CA CYS A 80 4.32 23.17 -0.02
C CYS A 80 5.48 23.47 -0.97
N THR A 81 5.80 24.75 -1.13
CA THR A 81 6.97 25.16 -1.89
C THR A 81 8.19 25.21 -0.99
N CYS A 82 9.38 25.11 -1.59
CA CYS A 82 10.61 25.03 -0.80
C CYS A 82 11.19 26.40 -0.46
N ASP A 83 10.41 27.45 -0.66
CA ASP A 83 10.83 28.80 -0.31
C ASP A 83 10.61 29.05 1.19
N THR A 84 9.95 28.11 1.84
CA THR A 84 9.65 28.19 3.27
C THR A 84 10.03 26.87 3.94
N PRO A 85 10.72 26.95 5.09
CA PRO A 85 11.17 25.75 5.81
C PRO A 85 10.01 24.84 6.21
N PHE A 86 10.14 23.55 5.89
CA PHE A 86 9.11 22.58 6.23
C PHE A 86 9.53 21.72 7.42
N THR A 87 8.59 21.47 8.31
CA THR A 87 8.85 20.64 9.49
C THR A 87 8.17 19.29 9.39
N PHE A 88 8.95 18.22 9.30
CA PHE A 88 8.42 16.88 9.25
C PHE A 88 7.81 16.48 10.60
N SER A 89 7.11 15.36 10.62
CA SER A 89 6.43 14.90 11.83
C SER A 89 7.39 14.33 12.87
N ASP A 90 8.68 14.35 12.55
CA ASP A 90 9.69 13.84 13.48
C ASP A 90 10.52 14.98 14.09
N GLY A 91 10.10 16.20 13.82
CA GLY A 91 10.75 17.37 14.39
C GLY A 91 11.82 17.98 13.52
N THR A 92 12.22 17.24 12.48
CA THR A 92 13.27 17.72 11.58
C THR A 92 12.74 18.83 10.68
N VAL A 93 13.59 19.79 10.37
CA VAL A 93 13.20 20.91 9.51
C VAL A 93 14.06 20.95 8.26
N THR A 94 13.52 21.54 7.20
CA THR A 94 14.25 21.65 5.95
C THR A 94 14.98 22.98 5.84
N LYS A 95 15.88 23.08 4.87
CA LYS A 95 16.61 24.31 4.62
C LYS A 95 16.09 24.95 3.33
N VAL A 96 16.35 26.24 3.18
CA VAL A 96 15.86 26.97 2.02
C VAL A 96 17.00 27.41 1.12
N PRO A 97 16.89 27.11 -0.18
CA PRO A 97 17.90 27.52 -1.17
C PRO A 97 18.09 29.03 -1.17
N ILE A 98 19.34 29.46 -1.03
CA ILE A 98 19.65 30.89 -0.97
C ILE A 98 19.38 31.55 -2.33
N ASN A 99 18.76 32.73 -2.28
CA ASN A 99 18.45 33.50 -3.49
C ASN A 99 17.56 32.73 -4.47
N ASN A 100 16.59 32.00 -3.91
CA ASN A 100 15.72 31.15 -4.71
C ASN A 100 14.83 31.91 -5.70
N LYS A 101 14.38 33.10 -5.30
CA LYS A 101 13.54 33.97 -6.14
C LYS A 101 12.19 33.32 -6.48
N ILE A 102 11.76 32.38 -5.64
CA ILE A 102 10.50 31.69 -5.86
C ILE A 102 9.28 32.58 -5.61
N LYS A 103 9.30 33.32 -4.51
CA LYS A 103 8.17 34.17 -4.12
C LYS A 103 7.88 35.23 -5.18
N GLU A 104 8.93 35.91 -5.65
CA GLU A 104 8.78 36.92 -6.68
C GLU A 104 8.39 36.28 -8.02
N GLY A 105 8.87 35.07 -8.25
CA GLY A 105 8.57 34.35 -9.48
C GLY A 105 7.11 33.96 -9.60
N LEU A 106 6.56 33.40 -8.52
CA LEU A 106 5.17 32.98 -8.51
C LEU A 106 4.23 34.18 -8.54
N LYS A 107 4.65 35.27 -7.91
CA LYS A 107 3.87 36.51 -7.90
C LYS A 107 3.77 37.11 -9.30
N ARG A 108 4.85 37.01 -10.06
CA ARG A 108 4.88 37.52 -11.43
C ARG A 108 3.96 36.69 -12.33
N ILE A 109 4.04 35.38 -12.19
CA ILE A 109 3.21 34.47 -12.98
C ILE A 109 1.73 34.71 -12.72
N ASP A 110 1.38 34.96 -11.46
CA ASP A 110 -0.01 35.24 -11.09
C ASP A 110 -0.48 36.53 -11.76
N GLN A 111 0.39 37.53 -11.81
CA GLN A 111 0.06 38.81 -12.41
C GLN A 111 -0.10 38.68 -13.92
N ILE A 112 0.73 37.84 -14.53
CA ILE A 112 0.67 37.61 -15.97
C ILE A 112 -0.62 36.88 -16.33
N LEU A 113 -0.96 35.86 -15.55
CA LEU A 113 -2.15 35.05 -15.81
C LEU A 113 -3.44 35.82 -15.53
N ALA A 114 -3.34 36.89 -14.73
CA ALA A 114 -4.51 37.71 -14.43
C ALA A 114 -4.74 38.76 -15.50
N GLU A 115 -3.66 39.39 -15.95
CA GLU A 115 -3.74 40.44 -16.96
C GLU A 115 -4.06 39.86 -18.34
N LYS A 116 -3.57 38.66 -18.61
CA LYS A 116 -3.78 38.03 -19.92
C LYS A 116 -4.97 37.08 -19.92
N ASN A 117 -5.78 37.15 -18.86
CA ASN A 117 -7.01 36.37 -18.76
C ASN A 117 -6.80 34.87 -18.97
N ASN A 118 -5.83 34.30 -18.26
CA ASN A 118 -5.52 32.88 -18.34
C ASN A 118 -5.22 32.43 -19.77
N PHE A 119 -4.66 33.36 -20.55
CA PHE A 119 -4.28 33.11 -21.93
C PHE A 119 -5.47 32.71 -22.81
N GLN A 120 -6.68 33.12 -22.39
CA GLN A 120 -7.88 32.84 -23.17
C GLN A 120 -8.16 34.00 -24.12
N GLY A 121 -8.84 33.71 -25.22
CA GLY A 121 -9.15 34.73 -26.21
C GLY A 121 -7.92 35.22 -26.94
N LEU A 122 -6.99 34.31 -27.20
CA LEU A 122 -5.74 34.65 -27.87
C LEU A 122 -5.59 33.87 -29.17
N SER A 123 -4.75 34.37 -30.07
CA SER A 123 -4.41 33.64 -31.28
C SER A 123 -3.42 32.54 -30.91
N ARG A 124 -3.23 31.57 -31.80
CA ARG A 124 -2.35 30.45 -31.50
C ARG A 124 -0.91 30.96 -31.37
N LYS A 125 -0.55 31.91 -32.23
CA LYS A 125 0.76 32.53 -32.18
C LYS A 125 1.00 33.28 -30.87
N GLU A 126 -0.02 34.03 -30.43
CA GLU A 126 0.07 34.76 -29.17
C GLU A 126 0.12 33.82 -27.98
N PHE A 127 -0.61 32.71 -28.08
CA PHE A 127 -0.66 31.72 -27.02
C PHE A 127 0.71 31.10 -26.78
N ILE A 128 1.42 30.81 -27.86
CA ILE A 128 2.75 30.20 -27.78
C ILE A 128 3.76 31.10 -27.07
N HIS A 129 3.76 32.38 -27.43
CA HIS A 129 4.69 33.33 -26.83
C HIS A 129 4.39 33.59 -25.36
N GLU A 130 3.14 33.38 -24.97
CA GLU A 130 2.72 33.62 -23.59
C GLU A 130 3.01 32.42 -22.70
N VAL A 131 2.78 31.22 -23.23
CA VAL A 131 3.01 30.00 -22.48
C VAL A 131 4.51 29.74 -22.31
N SER A 132 5.26 29.98 -23.38
CA SER A 132 6.70 29.74 -23.36
C SER A 132 7.41 30.59 -22.30
N THR A 133 7.00 31.84 -22.17
CA THR A 133 7.61 32.74 -21.20
C THR A 133 7.37 32.30 -19.76
N VAL A 134 6.12 31.96 -19.46
CA VAL A 134 5.75 31.52 -18.12
C VAL A 134 6.37 30.17 -17.79
N PHE A 135 6.45 29.30 -18.80
CA PHE A 135 7.04 27.97 -18.61
C PHE A 135 8.52 28.08 -18.26
N ILE A 136 9.24 28.95 -18.97
CA ILE A 136 10.65 29.18 -18.71
C ILE A 136 10.86 29.78 -17.32
N LEU A 137 10.03 30.76 -16.98
CA LEU A 137 10.09 31.39 -15.66
C LEU A 137 9.80 30.39 -14.55
N LEU A 138 8.86 29.49 -14.81
CA LEU A 138 8.49 28.48 -13.83
C LEU A 138 9.55 27.39 -13.76
N ASN A 139 10.46 27.39 -14.73
CA ASN A 139 11.59 26.45 -14.73
C ASN A 139 12.85 27.10 -14.16
N LYS A 140 12.97 28.41 -14.33
CA LYS A 140 14.10 29.14 -13.80
C LYS A 140 14.10 29.06 -12.28
N ILE A 141 12.93 29.24 -11.70
CA ILE A 141 12.74 29.02 -10.27
C ILE A 141 12.13 27.64 -10.07
N ARG A 142 12.62 26.90 -9.09
CA ARG A 142 12.05 25.59 -8.80
C ARG A 142 11.25 25.67 -7.50
N PRO A 143 9.94 25.92 -7.63
CA PRO A 143 9.05 26.12 -6.47
C PRO A 143 9.04 24.92 -5.54
N PHE A 144 8.93 23.73 -6.10
CA PHE A 144 8.90 22.51 -5.30
C PHE A 144 10.26 21.82 -5.32
N MET A 145 10.59 21.15 -4.23
CA MET A 145 11.86 20.44 -4.13
C MET A 145 11.87 19.23 -5.07
N VAL A 146 10.74 18.52 -5.10
CA VAL A 146 10.57 17.35 -5.95
C VAL A 146 9.21 17.36 -6.65
N GLY A 147 9.20 17.05 -7.95
CA GLY A 147 7.94 16.89 -8.67
C GLY A 147 7.52 18.06 -9.53
N ASN A 148 8.48 18.87 -9.95
CA ASN A 148 8.18 20.03 -10.80
C ASN A 148 7.68 19.64 -12.19
N LYS A 149 8.33 18.67 -12.81
CA LYS A 149 8.02 18.27 -14.19
C LYS A 149 6.56 17.87 -14.40
N TYR A 150 6.04 17.06 -13.49
CA TYR A 150 4.69 16.53 -13.61
C TYR A 150 3.62 17.59 -13.35
N VAL A 151 3.84 18.43 -12.35
CA VAL A 151 2.84 19.43 -11.98
C VAL A 151 2.79 20.56 -13.00
N GLN A 152 3.92 20.85 -13.63
CA GLN A 152 3.98 21.88 -14.66
C GLN A 152 3.30 21.42 -15.95
N ARG A 153 3.46 20.13 -16.26
CA ARG A 153 2.86 19.56 -17.46
C ARG A 153 1.34 19.60 -17.37
N ILE A 154 0.80 19.10 -16.25
CA ILE A 154 -0.64 19.13 -16.04
C ILE A 154 -1.17 20.56 -15.99
N PHE A 155 -0.38 21.45 -15.40
CA PHE A 155 -0.75 22.86 -15.26
C PHE A 155 -1.01 23.51 -16.61
N PHE A 156 -0.05 23.39 -17.53
CA PHE A 156 -0.16 24.04 -18.83
C PHE A 156 -1.07 23.27 -19.78
N GLU A 157 -1.26 21.98 -19.53
CA GLU A 157 -2.20 21.18 -20.31
C GLU A 157 -3.63 21.64 -20.05
N GLN A 158 -3.92 21.96 -18.80
CA GLN A 158 -5.25 22.43 -18.42
C GLN A 158 -5.47 23.89 -18.84
N ILE A 159 -4.40 24.69 -18.76
CA ILE A 159 -4.46 26.08 -19.21
C ILE A 159 -4.76 26.15 -20.70
N ALA A 160 -4.09 25.30 -21.47
CA ALA A 160 -4.27 25.27 -22.91
C ALA A 160 -5.68 24.85 -23.29
N GLU A 161 -6.15 23.75 -22.70
CA GLU A 161 -7.47 23.22 -22.98
C GLU A 161 -8.58 24.24 -22.72
N ALA A 162 -8.37 25.08 -21.71
CA ALA A 162 -9.31 26.13 -21.37
C ALA A 162 -9.18 27.30 -22.34
N ALA A 163 -8.04 27.37 -23.04
CA ALA A 163 -7.76 28.46 -23.96
C ALA A 163 -8.11 28.10 -25.39
N GLY A 164 -8.68 26.92 -25.58
CA GLY A 164 -9.10 26.47 -26.89
C GLY A 164 -8.01 25.79 -27.68
N HIS A 165 -6.81 25.78 -27.13
CA HIS A 165 -5.67 25.12 -27.77
C HIS A 165 -5.36 23.82 -27.04
N LYS A 166 -4.56 22.96 -27.66
CA LYS A 166 -4.22 21.68 -27.03
C LYS A 166 -2.72 21.42 -27.08
N LEU A 167 -2.16 20.97 -25.96
CA LEU A 167 -0.75 20.66 -25.89
C LEU A 167 -0.54 19.16 -25.69
N ASP A 168 0.28 18.56 -26.54
CA ASP A 168 0.60 17.14 -26.45
C ASP A 168 2.08 16.94 -26.12
N PHE A 169 2.38 16.78 -24.84
CA PHE A 169 3.76 16.63 -24.39
C PHE A 169 4.33 15.24 -24.65
N SER A 170 3.49 14.33 -25.17
CA SER A 170 3.90 12.95 -25.39
C SER A 170 4.91 12.80 -26.51
N VAL A 171 4.96 13.79 -27.42
CA VAL A 171 5.85 13.72 -28.57
C VAL A 171 7.11 14.54 -28.36
N VAL A 172 7.41 14.85 -27.10
CA VAL A 172 8.64 15.57 -26.76
C VAL A 172 9.66 14.64 -26.09
N THR A 173 10.85 14.56 -26.65
CA THR A 173 11.92 13.76 -26.07
C THR A 173 12.48 14.49 -24.85
N GLU A 174 13.13 13.74 -23.96
CA GLU A 174 13.71 14.32 -22.77
C GLU A 174 14.86 15.26 -23.11
N LYS A 175 15.54 14.97 -24.22
CA LYS A 175 16.68 15.76 -24.65
C LYS A 175 16.27 17.10 -25.25
N ARG A 176 15.15 17.11 -25.97
CA ARG A 176 14.66 18.34 -26.60
C ARG A 176 14.23 19.36 -25.56
N MET A 177 13.48 18.89 -24.55
CA MET A 177 13.03 19.76 -23.48
C MET A 177 14.20 20.29 -22.67
N GLN A 178 15.19 19.43 -22.43
CA GLN A 178 16.37 19.80 -21.67
C GLN A 178 17.16 20.90 -22.36
N PHE A 179 17.27 20.82 -23.69
CA PHE A 179 17.99 21.83 -24.45
C PHE A 179 17.20 23.14 -24.52
N ALA A 180 15.89 23.04 -24.67
CA ALA A 180 15.03 24.21 -24.75
C ALA A 180 15.08 25.03 -23.46
N ILE A 181 15.12 24.34 -22.33
CA ILE A 181 15.19 25.00 -21.04
C ILE A 181 16.57 25.64 -20.83
N HIS A 182 17.62 24.89 -21.16
CA HIS A 182 18.99 25.38 -21.01
C HIS A 182 19.26 26.55 -21.94
N ALA A 183 18.57 26.57 -23.08
CA ALA A 183 18.75 27.60 -24.09
C ALA A 183 18.36 28.98 -23.57
N ALA A 184 17.21 29.07 -22.91
CA ALA A 184 16.76 30.35 -22.37
C ALA A 184 16.96 30.39 -20.86
N LEU A 185 18.20 30.18 -20.45
CA LEU A 185 18.62 30.28 -19.06
C LEU A 185 20.11 30.59 -19.05
N SER A 186 20.68 30.67 -20.24
CA SER A 186 22.11 30.92 -20.41
C SER A 186 22.35 32.04 -21.40
N ARG A 193 19.48 37.93 -22.27
CA ARG A 193 20.46 37.31 -23.16
C ARG A 193 20.21 35.82 -23.31
N GLY A 194 18.95 35.41 -23.10
CA GLY A 194 18.58 34.02 -23.23
C GLY A 194 17.89 33.73 -24.55
N ASN A 195 18.11 32.52 -25.07
CA ASN A 195 17.52 32.12 -26.34
C ASN A 195 16.20 31.38 -26.16
N ILE A 196 15.09 32.07 -26.38
CA ILE A 196 13.76 31.49 -26.22
C ILE A 196 13.27 30.82 -27.50
N THR A 197 14.06 30.97 -28.57
CA THR A 197 13.71 30.41 -29.88
C THR A 197 13.47 28.89 -29.85
N PRO A 198 14.34 28.11 -29.16
CA PRO A 198 14.03 26.68 -29.10
C PRO A 198 12.73 26.38 -28.36
N MET A 199 12.40 27.18 -27.35
CA MET A 199 11.16 27.00 -26.60
C MET A 199 9.95 27.33 -27.46
N LEU A 200 10.05 28.38 -28.25
CA LEU A 200 8.99 28.76 -29.17
C LEU A 200 8.73 27.66 -30.19
N HIS A 201 9.81 27.10 -30.71
CA HIS A 201 9.72 25.99 -31.66
C HIS A 201 9.04 24.76 -31.05
N LEU A 202 9.32 24.52 -29.78
CA LEU A 202 8.76 23.37 -29.08
C LEU A 202 7.23 23.48 -29.00
N PHE A 203 6.76 24.55 -28.38
CA PHE A 203 5.33 24.76 -28.17
C PHE A 203 4.57 24.92 -29.48
N GLU A 204 5.25 25.40 -30.51
CA GLU A 204 4.61 25.59 -31.82
C GLU A 204 4.31 24.25 -32.46
N ASP A 205 5.24 23.30 -32.33
CA ASP A 205 5.04 21.94 -32.83
C ASP A 205 3.98 21.23 -32.00
N ILE A 206 4.01 21.47 -30.70
CA ILE A 206 3.12 20.82 -29.74
C ILE A 206 1.65 21.24 -29.90
N SER A 207 1.42 22.52 -30.20
CA SER A 207 0.07 23.02 -30.35
C SER A 207 -0.47 22.82 -31.77
N ASN A 208 0.31 22.11 -32.58
CA ASN A 208 -0.09 21.80 -33.96
C ASN A 208 -0.40 20.31 -34.13
N PRO A 209 -1.69 19.97 -34.20
CA PRO A 209 -2.16 18.58 -34.30
C PRO A 209 -1.54 17.83 -35.48
N GLU A 210 -1.35 18.50 -36.61
CA GLU A 210 -0.76 17.89 -37.79
C GLU A 210 0.70 17.51 -37.54
N LYS A 211 1.44 18.39 -36.89
CA LYS A 211 2.85 18.14 -36.59
C LYS A 211 2.99 17.06 -35.53
N VAL A 212 2.05 17.04 -34.58
CA VAL A 212 2.05 16.02 -33.54
C VAL A 212 1.82 14.64 -34.16
N GLY A 213 0.94 14.58 -35.15
CA GLY A 213 0.66 13.34 -35.85
C GLY A 213 1.86 12.81 -36.62
N ILE A 214 2.60 13.72 -37.24
CA ILE A 214 3.79 13.36 -38.00
C ILE A 214 4.90 12.86 -37.06
N LEU A 215 5.04 13.52 -35.91
CA LEU A 215 6.05 13.14 -34.93
C LEU A 215 5.85 11.73 -34.40
N LYS A 216 4.59 11.30 -34.28
CA LYS A 216 4.31 9.95 -33.80
C LYS A 216 4.72 8.90 -34.83
N GLU A 217 4.72 9.28 -36.10
CA GLU A 217 5.10 8.36 -37.17
C GLU A 217 6.61 8.34 -37.40
N PHE A 218 7.32 9.26 -36.76
CA PHE A 218 8.76 9.34 -36.90
C PHE A 218 9.46 9.28 -35.54
N HIS B 7 21.36 -17.96 -21.10
CA HIS B 7 22.63 -17.87 -21.82
C HIS B 7 23.48 -19.11 -21.58
N HIS B 8 23.93 -19.29 -20.34
CA HIS B 8 24.67 -20.48 -19.96
C HIS B 8 23.72 -21.62 -19.58
N MET B 9 22.47 -21.27 -19.30
CA MET B 9 21.47 -22.26 -18.93
C MET B 9 21.04 -23.07 -20.14
N ILE B 10 20.83 -22.37 -21.25
CA ILE B 10 20.45 -23.00 -22.50
C ILE B 10 21.55 -23.91 -23.04
N SER B 11 22.79 -23.51 -22.76
CA SER B 11 23.95 -24.27 -23.22
C SER B 11 24.19 -25.50 -22.34
N PHE B 12 23.93 -25.36 -21.05
CA PHE B 12 24.20 -26.42 -20.09
C PHE B 12 23.29 -27.63 -20.28
N TYR B 13 22.02 -27.39 -20.57
CA TYR B 13 21.05 -28.46 -20.72
C TYR B 13 20.94 -29.01 -22.15
N GLY B 14 21.92 -28.67 -22.98
CA GLY B 14 22.03 -29.24 -24.30
C GLY B 14 20.96 -28.84 -25.29
N TYR B 15 20.65 -27.54 -25.32
CA TYR B 15 19.70 -27.01 -26.29
C TYR B 15 20.43 -26.28 -27.42
N THR B 16 21.72 -26.05 -27.20
CA THR B 16 22.55 -25.34 -28.17
C THR B 16 23.54 -26.27 -28.87
N HIS B 17 24.28 -25.71 -29.82
CA HIS B 17 25.33 -26.46 -30.52
C HIS B 17 26.59 -26.50 -29.68
N PHE B 18 27.64 -27.12 -30.22
CA PHE B 18 28.90 -27.26 -29.52
C PHE B 18 29.59 -25.91 -29.29
N ASP B 19 29.26 -24.92 -30.12
CA ASP B 19 29.76 -23.57 -29.94
C ASP B 19 29.39 -23.02 -28.56
N GLY B 20 28.14 -23.24 -28.15
CA GLY B 20 27.73 -22.91 -26.80
C GLY B 20 26.68 -21.83 -26.68
N ARG B 21 26.17 -21.35 -27.82
CA ARG B 21 25.22 -20.23 -27.79
C ARG B 21 24.17 -20.29 -28.89
N THR B 22 24.33 -21.20 -29.84
CA THR B 22 23.41 -21.27 -30.98
C THR B 22 22.36 -22.38 -30.81
N LEU B 23 21.10 -21.97 -30.71
CA LEU B 23 19.99 -22.90 -30.55
C LEU B 23 19.84 -23.85 -31.73
N LYS B 24 19.62 -25.13 -31.42
CA LYS B 24 19.34 -26.12 -32.44
C LYS B 24 17.99 -25.82 -33.08
N ASN B 25 17.99 -25.41 -34.34
CA ASN B 25 16.78 -25.00 -35.02
C ASN B 25 16.52 -25.75 -36.33
N LYS B 26 15.29 -25.64 -36.82
CA LYS B 26 14.90 -26.31 -38.05
C LYS B 26 15.42 -25.59 -39.29
N TYR B 27 15.91 -24.38 -39.11
CA TYR B 27 16.39 -23.59 -40.24
C TYR B 27 17.86 -23.87 -40.53
N GLY B 28 18.58 -24.28 -39.48
CA GLY B 28 20.01 -24.52 -39.60
C GLY B 28 20.75 -23.20 -39.69
N MET B 29 20.16 -22.16 -39.12
CA MET B 29 20.75 -20.81 -39.16
C MET B 29 21.46 -20.46 -37.86
N GLN B 30 22.30 -19.42 -37.93
CA GLN B 30 23.03 -18.95 -36.76
C GLN B 30 23.17 -17.44 -36.79
N GLY B 31 23.36 -16.83 -35.63
CA GLY B 31 23.59 -15.40 -35.53
C GLY B 31 22.35 -14.56 -35.81
N LYS B 32 22.58 -13.37 -36.36
CA LYS B 32 21.49 -12.43 -36.65
C LYS B 32 20.47 -13.01 -37.62
N ALA B 33 20.91 -13.86 -38.53
CA ALA B 33 20.02 -14.51 -39.50
C ALA B 33 18.99 -15.38 -38.81
N LEU B 34 19.42 -16.05 -37.74
CA LEU B 34 18.53 -16.90 -36.96
C LEU B 34 17.49 -16.07 -36.20
N GLN B 35 17.94 -14.96 -35.63
CA GLN B 35 17.05 -14.07 -34.88
C GLN B 35 15.97 -13.47 -35.78
N GLU B 36 16.37 -13.14 -37.00
CA GLU B 36 15.46 -12.55 -37.97
C GLU B 36 14.41 -13.56 -38.42
N ARG B 37 14.85 -14.78 -38.71
CA ARG B 37 13.95 -15.83 -39.18
C ARG B 37 12.97 -16.25 -38.10
N CYS B 38 13.45 -16.29 -36.86
CA CYS B 38 12.62 -16.65 -35.71
C CYS B 38 11.53 -15.61 -35.44
N ALA B 39 11.92 -14.35 -35.51
CA ALA B 39 10.99 -13.25 -35.23
C ALA B 39 9.88 -13.16 -36.28
N TYR B 40 10.22 -13.49 -37.52
CA TYR B 40 9.26 -13.43 -38.61
C TYR B 40 8.17 -14.49 -38.45
N ASP B 41 8.59 -15.71 -38.13
CA ASP B 41 7.65 -16.82 -37.92
C ASP B 41 6.85 -16.62 -36.65
N LEU B 42 7.46 -16.00 -35.65
CA LEU B 42 6.79 -15.74 -34.38
C LEU B 42 5.67 -14.73 -34.59
N LEU B 43 5.92 -13.74 -35.43
CA LEU B 43 4.92 -12.71 -35.74
C LEU B 43 3.75 -13.31 -36.52
N GLN B 44 4.06 -14.22 -37.43
CA GLN B 44 3.03 -14.91 -38.21
C GLN B 44 2.18 -15.80 -37.31
N ALA B 45 2.83 -16.47 -36.36
CA ALA B 45 2.15 -17.39 -35.45
C ALA B 45 1.16 -16.63 -34.57
N MET B 46 1.54 -15.44 -34.12
CA MET B 46 0.68 -14.61 -33.31
C MET B 46 -0.55 -14.15 -34.10
N LEU B 47 -0.35 -13.90 -35.38
CA LEU B 47 -1.44 -13.47 -36.26
C LEU B 47 -2.50 -14.56 -36.43
N ASN B 48 -2.06 -15.79 -36.62
CA ASN B 48 -2.98 -16.92 -36.78
C ASN B 48 -3.69 -17.28 -35.48
N LEU B 49 -3.01 -17.06 -34.35
CA LEU B 49 -3.59 -17.36 -33.05
C LEU B 49 -4.78 -16.45 -32.74
N ARG B 50 -4.72 -15.21 -33.20
CA ARG B 50 -5.80 -14.26 -33.00
C ARG B 50 -6.97 -14.58 -33.91
N LYS B 51 -6.67 -15.18 -35.06
CA LYS B 51 -7.68 -15.61 -36.01
C LYS B 51 -8.54 -16.69 -35.37
N GLU B 52 -7.91 -17.52 -34.55
CA GLU B 52 -8.59 -18.61 -33.86
C GLU B 52 -9.44 -18.08 -32.71
N PRO B 53 -10.60 -18.71 -32.49
CA PRO B 53 -11.48 -18.29 -31.40
C PRO B 53 -10.92 -18.70 -30.04
N LEU B 54 -11.38 -18.06 -28.97
CA LEU B 54 -10.91 -18.41 -27.63
C LEU B 54 -11.41 -19.79 -27.22
N PRO B 55 -10.59 -20.54 -26.46
CA PRO B 55 -10.98 -21.87 -25.98
C PRO B 55 -12.00 -21.82 -24.86
N GLU B 56 -12.68 -22.94 -24.61
CA GLU B 56 -13.68 -23.01 -23.54
C GLU B 56 -13.02 -23.19 -22.18
N LYS B 57 -11.88 -23.86 -22.16
CA LYS B 57 -11.16 -24.11 -20.91
C LYS B 57 -9.67 -23.79 -21.04
N PHE B 58 -9.14 -23.07 -20.07
CA PHE B 58 -7.73 -22.73 -20.04
C PHE B 58 -6.96 -23.63 -19.07
N ASP B 59 -6.04 -24.43 -19.60
CA ASP B 59 -5.22 -25.31 -18.78
C ASP B 59 -3.77 -25.33 -19.25
N SER B 60 -2.95 -26.18 -18.63
CA SER B 60 -1.55 -26.29 -19.00
C SER B 60 -1.39 -26.85 -20.41
N SER B 61 -2.36 -27.66 -20.83
CA SER B 61 -2.35 -28.22 -22.17
C SER B 61 -2.48 -27.13 -23.22
N TYR B 62 -3.34 -26.15 -22.95
CA TYR B 62 -3.52 -25.03 -23.86
C TYR B 62 -2.28 -24.15 -23.88
N LEU B 63 -1.60 -24.05 -22.75
CA LEU B 63 -0.36 -23.30 -22.66
C LEU B 63 0.71 -23.93 -23.56
N LYS B 64 0.80 -25.26 -23.52
CA LYS B 64 1.72 -26.00 -24.37
C LYS B 64 1.34 -25.83 -25.84
N TYR B 65 0.04 -25.75 -26.09
CA TYR B 65 -0.47 -25.55 -27.46
C TYR B 65 -0.03 -24.20 -28.00
N LEU B 66 -0.10 -23.19 -27.15
CA LEU B 66 0.33 -21.84 -27.53
C LEU B 66 1.82 -21.83 -27.84
N HIS B 67 2.60 -22.49 -26.97
CA HIS B 67 4.05 -22.57 -27.15
C HIS B 67 4.39 -23.34 -28.41
N GLN B 68 3.55 -24.33 -28.74
CA GLN B 68 3.75 -25.12 -29.95
C GLN B 68 3.53 -24.26 -31.19
N ARG B 69 2.38 -23.60 -31.24
CA ARG B 69 1.99 -22.82 -32.41
C ARG B 69 3.00 -21.69 -32.69
N LEU B 70 3.62 -21.19 -31.63
CA LEU B 70 4.56 -20.08 -31.75
C LEU B 70 5.93 -20.52 -32.26
N TYR B 71 6.39 -21.69 -31.84
CA TYR B 71 7.77 -22.11 -32.13
C TYR B 71 7.89 -23.44 -32.87
N GLU B 72 6.81 -23.93 -33.46
CA GLU B 72 6.84 -25.21 -34.15
C GLU B 72 7.64 -25.15 -35.45
N LYS B 73 7.72 -23.96 -36.03
CA LYS B 73 8.46 -23.78 -37.28
C LYS B 73 9.95 -23.54 -37.01
N MET B 74 10.28 -23.29 -35.75
CA MET B 74 11.66 -22.99 -35.37
C MET B 74 12.32 -24.14 -34.63
N PHE B 75 11.64 -24.65 -33.61
CA PHE B 75 12.21 -25.68 -32.74
C PHE B 75 11.41 -26.98 -32.82
N GLU B 76 12.10 -28.10 -32.67
CA GLU B 76 11.47 -29.40 -32.70
C GLU B 76 10.73 -29.69 -31.40
N TRP B 77 11.16 -29.02 -30.33
CA TRP B 77 10.57 -29.20 -29.01
C TRP B 77 9.52 -28.14 -28.71
N ALA B 78 8.71 -27.82 -29.72
CA ALA B 78 7.75 -26.70 -29.66
C ALA B 78 6.86 -26.73 -28.42
N GLY B 79 5.94 -27.69 -28.36
CA GLY B 79 4.97 -27.74 -27.28
C GLY B 79 5.42 -28.60 -26.11
N CYS B 80 6.74 -28.71 -25.93
CA CYS B 80 7.30 -29.57 -24.90
C CYS B 80 7.87 -28.76 -23.75
N THR B 81 7.61 -29.21 -22.53
CA THR B 81 8.19 -28.58 -21.35
C THR B 81 9.56 -29.18 -21.04
N CYS B 82 10.39 -28.42 -20.34
CA CYS B 82 11.77 -28.83 -20.08
C CYS B 82 11.92 -29.68 -18.82
N ASP B 83 10.81 -30.16 -18.28
CA ASP B 83 10.86 -31.03 -17.11
C ASP B 83 11.18 -32.46 -17.54
N THR B 84 11.18 -32.69 -18.85
CA THR B 84 11.48 -33.99 -19.42
C THR B 84 12.45 -33.85 -20.60
N PRO B 85 13.47 -34.72 -20.65
CA PRO B 85 14.50 -34.67 -21.70
C PRO B 85 13.92 -34.84 -23.10
N PHE B 86 14.33 -33.97 -24.02
CA PHE B 86 13.85 -34.01 -25.39
C PHE B 86 14.89 -34.62 -26.32
N THR B 87 14.44 -35.44 -27.26
CA THR B 87 15.33 -36.08 -28.21
C THR B 87 15.20 -35.46 -29.59
N PHE B 88 16.26 -34.81 -30.05
CA PHE B 88 16.28 -34.22 -31.38
C PHE B 88 16.28 -35.30 -32.46
N SER B 89 16.09 -34.90 -33.70
CA SER B 89 16.00 -35.84 -34.81
C SER B 89 17.35 -36.41 -35.21
N ASP B 90 18.41 -36.00 -34.51
CA ASP B 90 19.75 -36.52 -34.82
C ASP B 90 20.26 -37.44 -33.72
N GLY B 91 19.40 -37.77 -32.77
CA GLY B 91 19.74 -38.69 -31.70
C GLY B 91 20.22 -38.02 -30.42
N THR B 92 20.52 -36.72 -30.51
CA THR B 92 20.98 -35.97 -29.34
C THR B 92 19.83 -35.70 -28.38
N VAL B 93 20.14 -35.71 -27.08
CA VAL B 93 19.12 -35.49 -26.05
C VAL B 93 19.43 -34.28 -25.17
N THR B 94 18.38 -33.71 -24.57
CA THR B 94 18.54 -32.58 -23.66
C THR B 94 18.61 -33.04 -22.21
N LYS B 95 19.00 -32.14 -21.31
CA LYS B 95 19.06 -32.43 -19.89
C LYS B 95 17.94 -31.72 -19.13
N VAL B 96 17.64 -32.19 -17.93
CA VAL B 96 16.56 -31.64 -17.11
C VAL B 96 17.06 -30.99 -15.83
N PRO B 97 16.65 -29.74 -15.57
CA PRO B 97 16.99 -29.05 -14.32
C PRO B 97 16.50 -29.80 -13.10
N ILE B 98 17.40 -30.06 -12.14
CA ILE B 98 17.04 -30.80 -10.94
C ILE B 98 16.08 -30.02 -10.05
N ASN B 99 15.08 -30.73 -9.52
CA ASN B 99 14.09 -30.16 -8.61
C ASN B 99 13.32 -28.99 -9.24
N ASN B 100 12.98 -29.13 -10.51
CA ASN B 100 12.30 -28.08 -11.26
C ASN B 100 10.88 -27.76 -10.79
N LYS B 101 10.16 -28.80 -10.35
CA LYS B 101 8.79 -28.66 -9.84
C LYS B 101 7.82 -28.16 -10.91
N ILE B 102 8.15 -28.38 -12.18
CA ILE B 102 7.30 -27.93 -13.28
C ILE B 102 6.00 -28.72 -13.37
N LYS B 103 6.12 -30.05 -13.30
CA LYS B 103 4.97 -30.92 -13.45
C LYS B 103 3.94 -30.72 -12.33
N GLU B 104 4.43 -30.66 -11.09
CA GLU B 104 3.56 -30.43 -9.95
C GLU B 104 2.99 -29.01 -9.98
N GLY B 105 3.77 -28.08 -10.52
CA GLY B 105 3.35 -26.69 -10.62
C GLY B 105 2.21 -26.49 -11.59
N LEU B 106 2.33 -27.09 -12.78
CA LEU B 106 1.32 -26.97 -13.81
C LEU B 106 0.02 -27.66 -13.40
N LYS B 107 0.14 -28.76 -12.64
CA LYS B 107 -1.02 -29.48 -12.15
C LYS B 107 -1.81 -28.62 -11.18
N ARG B 108 -1.10 -27.82 -10.39
CA ARG B 108 -1.72 -26.91 -9.45
C ARG B 108 -2.49 -25.80 -10.19
N ILE B 109 -1.86 -25.26 -11.23
CA ILE B 109 -2.49 -24.22 -12.04
C ILE B 109 -3.76 -24.73 -12.71
N ASP B 110 -3.74 -25.97 -13.17
CA ASP B 110 -4.89 -26.57 -13.82
C ASP B 110 -6.12 -26.71 -12.91
N GLN B 111 -5.90 -27.11 -11.66
CA GLN B 111 -7.01 -27.27 -10.72
C GLN B 111 -7.58 -25.91 -10.31
N ILE B 112 -6.71 -24.91 -10.20
CA ILE B 112 -7.15 -23.56 -9.83
C ILE B 112 -8.02 -22.95 -10.93
N LEU B 113 -7.59 -23.10 -12.17
CA LEU B 113 -8.32 -22.56 -13.31
C LEU B 113 -9.63 -23.31 -13.53
N ALA B 114 -9.70 -24.53 -13.00
CA ALA B 114 -10.90 -25.35 -13.11
C ALA B 114 -11.88 -25.02 -11.99
N GLU B 115 -11.35 -24.85 -10.78
CA GLU B 115 -12.17 -24.56 -9.61
C GLU B 115 -12.75 -23.15 -9.64
N LYS B 116 -12.01 -22.21 -10.22
CA LYS B 116 -12.45 -20.82 -10.28
C LYS B 116 -13.15 -20.50 -11.60
N ASN B 117 -13.49 -21.56 -12.35
CA ASN B 117 -14.24 -21.42 -13.60
C ASN B 117 -13.57 -20.45 -14.57
N ASN B 118 -12.27 -20.64 -14.79
CA ASN B 118 -11.49 -19.80 -15.69
C ASN B 118 -11.57 -18.31 -15.35
N PHE B 119 -11.75 -18.02 -14.08
CA PHE B 119 -11.84 -16.65 -13.57
C PHE B 119 -13.00 -15.87 -14.21
N GLN B 120 -14.02 -16.61 -14.66
CA GLN B 120 -15.19 -16.00 -15.27
C GLN B 120 -16.28 -15.70 -14.25
N GLY B 121 -17.12 -14.71 -14.55
CA GLY B 121 -18.19 -14.31 -13.67
C GLY B 121 -17.68 -13.65 -12.40
N LEU B 122 -16.60 -12.90 -12.53
CA LEU B 122 -16.01 -12.21 -11.39
C LEU B 122 -15.95 -10.71 -11.65
N SER B 123 -15.84 -9.93 -10.59
CA SER B 123 -15.59 -8.50 -10.75
C SER B 123 -14.11 -8.34 -11.09
N ARG B 124 -13.73 -7.19 -11.62
CA ARG B 124 -12.33 -6.99 -12.01
C ARG B 124 -11.43 -6.99 -10.77
N LYS B 125 -11.93 -6.42 -9.67
CA LYS B 125 -11.17 -6.40 -8.42
C LYS B 125 -10.92 -7.83 -7.96
N GLU B 126 -11.94 -8.67 -8.05
CA GLU B 126 -11.82 -10.08 -7.68
C GLU B 126 -10.92 -10.80 -8.69
N PHE B 127 -11.04 -10.41 -9.96
CA PHE B 127 -10.27 -11.01 -11.04
C PHE B 127 -8.78 -10.77 -10.88
N ILE B 128 -8.42 -9.56 -10.47
CA ILE B 128 -7.01 -9.20 -10.26
C ILE B 128 -6.36 -10.02 -9.15
N HIS B 129 -7.08 -10.19 -8.05
CA HIS B 129 -6.56 -10.92 -6.90
C HIS B 129 -6.38 -12.41 -7.20
N GLU B 130 -7.15 -12.92 -8.15
CA GLU B 130 -7.10 -14.33 -8.51
C GLU B 130 -6.01 -14.61 -9.55
N VAL B 131 -5.88 -13.72 -10.51
CA VAL B 131 -4.90 -13.87 -11.60
C VAL B 131 -3.47 -13.66 -11.12
N SER B 132 -3.29 -12.69 -10.22
CA SER B 132 -1.96 -12.35 -9.72
C SER B 132 -1.25 -13.54 -9.08
N THR B 133 -2.01 -14.35 -8.35
CA THR B 133 -1.45 -15.53 -7.70
C THR B 133 -0.98 -16.55 -8.74
N VAL B 134 -1.83 -16.82 -9.73
CA VAL B 134 -1.51 -17.77 -10.79
C VAL B 134 -0.38 -17.26 -11.67
N PHE B 135 -0.35 -15.96 -11.91
CA PHE B 135 0.66 -15.33 -12.74
C PHE B 135 2.07 -15.50 -12.14
N ILE B 136 2.17 -15.28 -10.83
CA ILE B 136 3.43 -15.43 -10.12
C ILE B 136 3.90 -16.88 -10.12
N LEU B 137 2.96 -17.80 -9.88
CA LEU B 137 3.27 -19.22 -9.85
C LEU B 137 3.77 -19.73 -11.20
N LEU B 138 3.21 -19.19 -12.29
CA LEU B 138 3.61 -19.58 -13.64
C LEU B 138 4.97 -18.98 -14.01
N ASN B 139 5.43 -18.04 -13.19
CA ASN B 139 6.74 -17.44 -13.40
C ASN B 139 7.80 -18.10 -12.54
N LYS B 140 7.40 -18.59 -11.37
CA LYS B 140 8.30 -19.30 -10.48
C LYS B 140 8.82 -20.58 -11.15
N ILE B 141 7.93 -21.30 -11.81
CA ILE B 141 8.32 -22.45 -12.60
C ILE B 141 8.43 -22.03 -14.06
N ARG B 142 9.50 -22.46 -14.73
CA ARG B 142 9.67 -22.17 -16.14
C ARG B 142 9.45 -23.44 -16.93
N PRO B 143 8.20 -23.63 -17.40
CA PRO B 143 7.84 -24.86 -18.11
C PRO B 143 8.68 -25.05 -19.37
N PHE B 144 8.81 -23.99 -20.16
CA PHE B 144 9.55 -24.06 -21.41
C PHE B 144 10.95 -23.48 -21.26
N MET B 145 11.89 -24.03 -22.01
CA MET B 145 13.27 -23.56 -21.98
C MET B 145 13.40 -22.19 -22.61
N VAL B 146 12.68 -21.99 -23.72
CA VAL B 146 12.70 -20.72 -24.43
C VAL B 146 11.28 -20.31 -24.83
N GLY B 147 10.93 -19.05 -24.60
CA GLY B 147 9.67 -18.52 -25.05
C GLY B 147 8.61 -18.43 -23.98
N ASN B 148 9.03 -18.36 -22.72
CA ASN B 148 8.08 -18.29 -21.62
C ASN B 148 7.30 -16.98 -21.59
N LYS B 149 8.01 -15.87 -21.79
CA LYS B 149 7.41 -14.54 -21.71
C LYS B 149 6.24 -14.36 -22.68
N TYR B 150 6.43 -14.80 -23.91
CA TYR B 150 5.42 -14.61 -24.95
C TYR B 150 4.18 -15.49 -24.74
N VAL B 151 4.39 -16.74 -24.36
CA VAL B 151 3.28 -17.67 -24.21
C VAL B 151 2.47 -17.38 -22.95
N GLN B 152 3.12 -16.85 -21.92
CA GLN B 152 2.44 -16.48 -20.69
C GLN B 152 1.61 -15.22 -20.90
N ARG B 153 2.16 -14.31 -21.71
CA ARG B 153 1.46 -13.06 -22.01
C ARG B 153 0.18 -13.32 -22.80
N ILE B 154 0.29 -14.10 -23.87
CA ILE B 154 -0.87 -14.45 -24.69
C ILE B 154 -1.88 -15.26 -23.87
N PHE B 155 -1.37 -16.12 -22.99
CA PHE B 155 -2.21 -16.98 -22.15
C PHE B 155 -3.18 -16.19 -21.30
N PHE B 156 -2.66 -15.22 -20.55
CA PHE B 156 -3.48 -14.43 -19.62
C PHE B 156 -4.29 -13.35 -20.34
N GLU B 157 -3.83 -12.95 -21.53
CA GLU B 157 -4.57 -11.99 -22.33
C GLU B 157 -5.88 -12.61 -22.80
N GLN B 158 -5.83 -13.89 -23.18
CA GLN B 158 -7.01 -14.61 -23.64
C GLN B 158 -7.91 -15.02 -22.48
N ILE B 159 -7.31 -15.36 -21.34
CA ILE B 159 -8.06 -15.68 -20.14
C ILE B 159 -8.91 -14.49 -19.71
N ALA B 160 -8.32 -13.30 -19.76
CA ALA B 160 -9.00 -12.08 -19.37
C ALA B 160 -10.19 -11.81 -20.31
N GLU B 161 -9.94 -11.90 -21.62
CA GLU B 161 -10.98 -11.65 -22.62
C GLU B 161 -12.20 -12.55 -22.43
N ALA B 162 -11.96 -13.77 -21.97
CA ALA B 162 -13.05 -14.71 -21.71
C ALA B 162 -13.76 -14.37 -20.40
N ALA B 163 -13.08 -13.60 -19.55
CA ALA B 163 -13.64 -13.24 -18.25
C ALA B 163 -14.30 -11.86 -18.28
N GLY B 164 -14.35 -11.25 -19.46
CA GLY B 164 -15.00 -9.96 -19.61
C GLY B 164 -14.09 -8.78 -19.32
N HIS B 165 -12.87 -9.07 -18.88
CA HIS B 165 -11.90 -8.02 -18.58
C HIS B 165 -10.83 -7.97 -19.67
N LYS B 166 -10.05 -6.89 -19.69
CA LYS B 166 -9.02 -6.73 -20.71
C LYS B 166 -7.68 -6.31 -20.11
N LEU B 167 -6.61 -6.97 -20.56
CA LEU B 167 -5.27 -6.63 -20.08
C LEU B 167 -4.41 -6.07 -21.20
N ASP B 168 -3.78 -4.93 -20.95
CA ASP B 168 -2.90 -4.29 -21.93
C ASP B 168 -1.46 -4.27 -21.42
N PHE B 169 -0.69 -5.27 -21.83
CA PHE B 169 0.70 -5.42 -21.41
C PHE B 169 1.65 -4.47 -22.14
N SER B 170 1.12 -3.70 -23.08
CA SER B 170 1.97 -2.80 -23.87
C SER B 170 2.47 -1.61 -23.05
N VAL B 171 1.76 -1.27 -21.97
CA VAL B 171 2.14 -0.10 -21.18
C VAL B 171 2.88 -0.42 -19.89
N VAL B 172 3.40 -1.65 -19.77
CA VAL B 172 4.22 -2.01 -18.62
C VAL B 172 5.67 -2.19 -19.07
N THR B 173 6.58 -1.47 -18.42
CA THR B 173 7.99 -1.57 -18.72
C THR B 173 8.57 -2.89 -18.20
N GLU B 174 9.71 -3.29 -18.75
CA GLU B 174 10.36 -4.53 -18.36
C GLU B 174 10.85 -4.46 -16.91
N LYS B 175 11.17 -3.24 -16.47
CA LYS B 175 11.68 -3.04 -15.11
C LYS B 175 10.57 -3.20 -14.08
N ARG B 176 9.37 -2.74 -14.43
CA ARG B 176 8.23 -2.83 -13.52
C ARG B 176 7.80 -4.28 -13.32
N MET B 177 7.76 -5.03 -14.43
CA MET B 177 7.39 -6.44 -14.38
C MET B 177 8.42 -7.25 -13.60
N GLN B 178 9.69 -6.93 -13.81
CA GLN B 178 10.78 -7.63 -13.14
C GLN B 178 10.72 -7.43 -11.63
N PHE B 179 10.40 -6.21 -11.20
CA PHE B 179 10.31 -5.90 -9.79
C PHE B 179 9.09 -6.54 -9.14
N ALA B 180 7.97 -6.56 -9.85
CA ALA B 180 6.73 -7.15 -9.35
C ALA B 180 6.92 -8.63 -9.10
N ILE B 181 7.64 -9.30 -10.00
CA ILE B 181 7.95 -10.71 -9.85
C ILE B 181 8.95 -10.91 -8.72
N HIS B 182 9.96 -10.05 -8.68
CA HIS B 182 11.00 -10.11 -7.66
C HIS B 182 10.44 -9.87 -6.27
N ALA B 183 9.36 -9.10 -6.20
CA ALA B 183 8.78 -8.74 -4.91
C ALA B 183 8.24 -9.95 -4.15
N ALA B 184 7.46 -10.79 -4.83
CA ALA B 184 6.94 -11.99 -4.16
C ALA B 184 7.59 -13.28 -4.67
N LEU B 185 8.91 -13.33 -4.71
CA LEU B 185 9.65 -14.54 -5.04
C LEU B 185 11.08 -14.49 -4.51
N SER B 186 11.43 -13.37 -3.89
CA SER B 186 12.80 -13.19 -3.38
C SER B 186 12.80 -12.69 -1.94
N ARG B 193 10.27 -13.18 -0.26
CA ARG B 193 9.51 -12.35 0.67
C ARG B 193 8.05 -12.77 0.64
N GLY B 194 7.36 -12.44 -0.44
CA GLY B 194 5.96 -12.80 -0.59
C GLY B 194 5.04 -11.60 -0.71
N ASN B 195 5.54 -10.53 -1.32
CA ASN B 195 4.75 -9.31 -1.49
C ASN B 195 4.07 -9.29 -2.86
N ILE B 196 2.77 -9.60 -2.88
CA ILE B 196 2.00 -9.65 -4.11
C ILE B 196 1.43 -8.27 -4.43
N THR B 197 1.59 -7.33 -3.50
CA THR B 197 1.07 -5.97 -3.66
C THR B 197 1.57 -5.25 -4.93
N PRO B 198 2.88 -5.33 -5.24
CA PRO B 198 3.29 -4.70 -6.50
C PRO B 198 2.67 -5.35 -7.73
N MET B 199 2.47 -6.67 -7.68
CA MET B 199 1.83 -7.38 -8.78
C MET B 199 0.36 -6.99 -8.90
N LEU B 200 -0.29 -6.83 -7.75
CA LEU B 200 -1.68 -6.39 -7.71
C LEU B 200 -1.81 -5.01 -8.33
N HIS B 201 -0.87 -4.12 -7.99
CA HIS B 201 -0.84 -2.78 -8.56
C HIS B 201 -0.63 -2.82 -10.08
N LEU B 202 0.18 -3.78 -10.54
CA LEU B 202 0.46 -3.92 -11.95
C LEU B 202 -0.82 -4.25 -12.71
N PHE B 203 -1.46 -5.35 -12.33
CA PHE B 203 -2.67 -5.81 -13.01
C PHE B 203 -3.83 -4.82 -12.89
N GLU B 204 -3.83 -4.04 -11.81
CA GLU B 204 -4.89 -3.06 -11.59
C GLU B 204 -4.75 -1.90 -12.59
N ASP B 205 -3.52 -1.48 -12.82
CA ASP B 205 -3.25 -0.43 -13.81
C ASP B 205 -3.51 -0.96 -15.22
N ILE B 206 -3.12 -2.22 -15.43
CA ILE B 206 -3.22 -2.86 -16.74
C ILE B 206 -4.68 -3.11 -17.14
N SER B 207 -5.51 -3.48 -16.17
CA SER B 207 -6.91 -3.78 -16.44
C SER B 207 -7.79 -2.53 -16.37
N ASN B 208 -7.16 -1.36 -16.21
CA ASN B 208 -7.89 -0.11 -16.15
C ASN B 208 -7.61 0.74 -17.40
N PRO B 209 -8.59 0.76 -18.33
CA PRO B 209 -8.47 1.45 -19.62
C PRO B 209 -8.11 2.93 -19.51
N GLU B 210 -8.66 3.63 -18.52
CA GLU B 210 -8.36 5.04 -18.33
C GLU B 210 -6.90 5.23 -17.91
N LYS B 211 -6.41 4.35 -17.05
CA LYS B 211 -5.03 4.42 -16.59
C LYS B 211 -4.07 4.01 -17.70
N VAL B 212 -4.49 3.05 -18.52
CA VAL B 212 -3.68 2.61 -19.65
C VAL B 212 -3.51 3.75 -20.64
N GLY B 213 -4.58 4.53 -20.84
CA GLY B 213 -4.53 5.68 -21.72
C GLY B 213 -3.59 6.75 -21.22
N ILE B 214 -3.58 6.95 -19.91
CA ILE B 214 -2.69 7.93 -19.30
C ILE B 214 -1.24 7.47 -19.40
N LEU B 215 -1.02 6.18 -19.18
CA LEU B 215 0.31 5.60 -19.28
C LEU B 215 0.86 5.75 -20.70
N LYS B 216 -0.02 5.69 -21.67
CA LYS B 216 0.36 5.84 -23.07
C LYS B 216 0.81 7.28 -23.35
N GLU B 217 0.36 8.21 -22.53
CA GLU B 217 0.71 9.62 -22.69
C GLU B 217 2.06 9.91 -22.06
N PHE B 218 2.61 8.92 -21.37
CA PHE B 218 3.91 9.06 -20.72
C PHE B 218 4.87 7.99 -21.22
N MET B 219 4.43 7.21 -22.19
CA MET B 219 5.27 6.18 -22.79
C MET B 219 6.24 6.80 -23.78
N ILE B 220 7.36 7.32 -23.28
CA ILE B 220 8.35 7.98 -24.11
C ILE B 220 9.72 7.99 -23.44
N ILE C 10 31.54 11.27 -43.68
CA ILE C 10 30.97 12.58 -43.99
C ILE C 10 32.03 13.68 -43.87
N SER C 11 32.97 13.48 -42.95
CA SER C 11 34.04 14.45 -42.71
C SER C 11 35.08 14.34 -43.82
N PHE C 12 35.30 13.12 -44.30
CA PHE C 12 36.31 12.85 -45.31
C PHE C 12 35.97 13.53 -46.64
N TYR C 13 34.68 13.56 -46.98
CA TYR C 13 34.26 14.10 -48.27
C TYR C 13 34.04 15.61 -48.23
N GLY C 14 34.52 16.25 -47.16
CA GLY C 14 34.53 17.71 -47.09
C GLY C 14 33.18 18.38 -47.04
N TYR C 15 32.29 17.86 -46.22
CA TYR C 15 30.96 18.46 -46.05
C TYR C 15 30.84 19.21 -44.73
N THR C 16 31.83 19.03 -43.86
CA THR C 16 31.83 19.69 -42.56
C THR C 16 32.88 20.78 -42.54
N HIS C 17 32.98 21.50 -41.42
CA HIS C 17 34.00 22.55 -41.28
C HIS C 17 35.34 21.90 -40.93
N PHE C 18 36.37 22.73 -40.76
CA PHE C 18 37.68 22.23 -40.43
C PHE C 18 37.70 21.67 -39.00
N ASP C 19 36.73 22.09 -38.20
CA ASP C 19 36.55 21.57 -36.84
C ASP C 19 36.39 20.04 -36.87
N GLY C 20 35.58 19.54 -37.79
CA GLY C 20 35.49 18.11 -38.04
C GLY C 20 34.18 17.41 -37.74
N ARG C 21 33.16 18.17 -37.35
CA ARG C 21 31.90 17.53 -36.97
C ARG C 21 30.67 18.40 -37.28
N THR C 22 30.90 19.64 -37.65
CA THR C 22 29.79 20.56 -37.91
C THR C 22 29.51 20.72 -39.40
N LEU C 23 28.34 20.25 -39.82
CA LEU C 23 27.92 20.35 -41.22
C LEU C 23 27.78 21.81 -41.65
N LYS C 24 28.27 22.11 -42.85
CA LYS C 24 28.13 23.45 -43.42
C LYS C 24 26.66 23.75 -43.68
N ASN C 25 26.12 24.70 -42.94
CA ASN C 25 24.70 25.01 -43.02
C ASN C 25 24.42 26.48 -43.37
N LYS C 26 23.18 26.75 -43.77
CA LYS C 26 22.75 28.08 -44.17
C LYS C 26 22.50 28.98 -42.97
N TYR C 27 22.43 28.38 -41.78
CA TYR C 27 22.13 29.12 -40.56
C TYR C 27 23.39 29.70 -39.93
N GLY C 28 24.52 29.04 -40.18
CA GLY C 28 25.78 29.42 -39.57
C GLY C 28 25.78 29.05 -38.10
N MET C 29 25.03 28.00 -37.77
CA MET C 29 24.91 27.53 -36.40
C MET C 29 25.79 26.30 -36.16
N GLN C 30 26.01 25.98 -34.89
CA GLN C 30 26.82 24.83 -34.53
C GLN C 30 26.30 24.13 -33.28
N GLY C 31 26.64 22.85 -33.14
CA GLY C 31 26.30 22.08 -31.96
C GLY C 31 24.83 21.71 -31.84
N LYS C 32 24.37 21.60 -30.60
CA LYS C 32 22.98 21.21 -30.31
C LYS C 32 21.97 22.16 -30.93
N ALA C 33 22.34 23.44 -31.03
CA ALA C 33 21.49 24.45 -31.62
C ALA C 33 21.22 24.15 -33.10
N LEU C 34 22.22 23.61 -33.78
CA LEU C 34 22.08 23.24 -35.18
C LEU C 34 21.13 22.05 -35.36
N GLN C 35 21.24 21.08 -34.47
CA GLN C 35 20.40 19.89 -34.54
C GLN C 35 18.93 20.25 -34.32
N GLU C 36 18.70 21.20 -33.41
CA GLU C 36 17.35 21.66 -33.11
C GLU C 36 16.77 22.44 -34.29
N ARG C 37 17.57 23.32 -34.86
CA ARG C 37 17.13 24.16 -35.97
C ARG C 37 16.88 23.34 -37.22
N CYS C 38 17.72 22.33 -37.43
CA CYS C 38 17.59 21.45 -38.60
C CYS C 38 16.32 20.61 -38.51
N ALA C 39 16.05 20.09 -37.32
CA ALA C 39 14.88 19.24 -37.10
C ALA C 39 13.59 20.03 -37.23
N TYR C 40 13.62 21.30 -36.84
CA TYR C 40 12.44 22.16 -36.88
C TYR C 40 12.02 22.45 -38.32
N ASP C 41 12.98 22.79 -39.17
CA ASP C 41 12.69 23.06 -40.58
C ASP C 41 12.35 21.77 -41.32
N LEU C 42 12.94 20.66 -40.88
CA LEU C 42 12.69 19.35 -41.48
C LEU C 42 11.25 18.92 -41.22
N LEU C 43 10.76 19.19 -40.01
CA LEU C 43 9.39 18.84 -39.65
C LEU C 43 8.41 19.69 -40.43
N GLN C 44 8.75 20.96 -40.62
CA GLN C 44 7.94 21.88 -41.41
C GLN C 44 7.93 21.45 -42.87
N ALA C 45 9.08 21.00 -43.35
CA ALA C 45 9.24 20.58 -44.73
C ALA C 45 8.40 19.35 -45.06
N MET C 46 8.35 18.41 -44.11
CA MET C 46 7.56 17.19 -44.29
C MET C 46 6.07 17.53 -44.37
N LEU C 47 5.66 18.52 -43.57
CA LEU C 47 4.28 18.97 -43.56
C LEU C 47 3.93 19.60 -44.91
N ASN C 48 4.85 20.39 -45.44
CA ASN C 48 4.64 21.04 -46.72
C ASN C 48 4.65 20.06 -47.89
N LEU C 49 5.42 18.98 -47.75
CA LEU C 49 5.47 17.95 -48.79
C LEU C 49 4.15 17.21 -48.91
N ARG C 50 3.45 17.07 -47.80
CA ARG C 50 2.15 16.40 -47.78
C ARG C 50 1.11 17.31 -48.40
N LYS C 51 1.32 18.61 -48.27
CA LYS C 51 0.42 19.61 -48.81
C LYS C 51 0.37 19.50 -50.33
N GLU C 52 1.53 19.20 -50.93
CA GLU C 52 1.66 19.03 -52.36
C GLU C 52 1.08 17.71 -52.86
N PRO C 53 0.47 17.72 -54.05
CA PRO C 53 -0.10 16.50 -54.64
C PRO C 53 0.98 15.55 -55.16
N LEU C 54 0.62 14.28 -55.33
CA LEU C 54 1.54 13.27 -55.84
C LEU C 54 1.89 13.52 -57.31
N PRO C 55 3.13 13.19 -57.70
CA PRO C 55 3.57 13.35 -59.09
C PRO C 55 2.97 12.27 -59.99
N GLU C 56 3.01 12.50 -61.30
CA GLU C 56 2.48 11.53 -62.25
C GLU C 56 3.47 10.40 -62.49
N LYS C 57 4.75 10.70 -62.36
CA LYS C 57 5.80 9.72 -62.57
C LYS C 57 6.84 9.77 -61.45
N PHE C 58 7.24 8.61 -60.96
CA PHE C 58 8.26 8.54 -59.91
C PHE C 58 9.62 8.20 -60.53
N ASP C 59 10.54 9.14 -60.46
CA ASP C 59 11.89 8.94 -60.97
C ASP C 59 12.93 9.55 -60.04
N SER C 60 14.19 9.53 -60.47
CA SER C 60 15.29 10.08 -59.68
C SER C 60 15.17 11.59 -59.52
N SER C 61 14.54 12.25 -60.49
CA SER C 61 14.33 13.69 -60.43
C SER C 61 13.42 14.06 -59.27
N TYR C 62 12.37 13.26 -59.07
CA TYR C 62 11.45 13.47 -57.97
C TYR C 62 12.12 13.19 -56.63
N LEU C 63 13.03 12.23 -56.62
CA LEU C 63 13.79 11.91 -55.43
C LEU C 63 14.64 13.09 -55.00
N LYS C 64 15.29 13.73 -55.98
CA LYS C 64 16.06 14.93 -55.72
C LYS C 64 15.17 16.07 -55.25
N TYR C 65 13.96 16.11 -55.80
CA TYR C 65 12.97 17.13 -55.43
C TYR C 65 12.57 16.99 -53.97
N LEU C 66 12.38 15.75 -53.53
CA LEU C 66 12.05 15.47 -52.13
C LEU C 66 13.19 15.90 -51.22
N HIS C 67 14.41 15.59 -51.64
CA HIS C 67 15.60 15.96 -50.87
C HIS C 67 15.77 17.47 -50.84
N GLN C 68 15.35 18.13 -51.91
CA GLN C 68 15.42 19.59 -51.98
C GLN C 68 14.48 20.22 -50.97
N ARG C 69 13.22 19.81 -51.01
CA ARG C 69 12.18 20.38 -50.16
C ARG C 69 12.48 20.21 -48.67
N LEU C 70 13.17 19.12 -48.33
CA LEU C 70 13.46 18.80 -46.93
C LEU C 70 14.62 19.60 -46.34
N TYR C 71 15.65 19.86 -47.15
CA TYR C 71 16.87 20.46 -46.62
C TYR C 71 17.29 21.77 -47.29
N GLU C 72 16.38 22.40 -48.03
CA GLU C 72 16.74 23.63 -48.74
C GLU C 72 16.95 24.81 -47.80
N LYS C 73 16.31 24.76 -46.64
CA LYS C 73 16.45 25.84 -45.66
C LYS C 73 17.67 25.61 -44.78
N MET C 74 18.22 24.40 -44.85
CA MET C 74 19.35 24.03 -44.01
C MET C 74 20.65 23.96 -44.80
N PHE C 75 20.61 23.25 -45.92
CA PHE C 75 21.81 23.00 -46.71
C PHE C 75 21.70 23.60 -48.12
N GLU C 76 22.84 24.05 -48.65
CA GLU C 76 22.89 24.63 -49.98
C GLU C 76 22.83 23.57 -51.07
N TRP C 77 23.20 22.34 -50.70
CA TRP C 77 23.24 21.23 -51.65
C TRP C 77 21.95 20.42 -51.61
N ALA C 78 20.82 21.13 -51.52
CA ALA C 78 19.51 20.51 -51.32
C ALA C 78 19.22 19.38 -52.31
N GLY C 79 19.03 19.73 -53.58
CA GLY C 79 18.68 18.75 -54.59
C GLY C 79 19.87 18.16 -55.32
N CYS C 80 21.03 18.16 -54.67
CA CYS C 80 22.25 17.70 -55.31
C CYS C 80 22.74 16.35 -54.78
N THR C 81 23.14 15.47 -55.70
CA THR C 81 23.73 14.18 -55.34
C THR C 81 25.24 14.31 -55.19
N CYS C 82 25.84 13.38 -54.44
CA CYS C 82 27.27 13.46 -54.13
C CYS C 82 28.14 12.80 -55.20
N ASP C 83 27.55 12.48 -56.35
CA ASP C 83 28.31 11.90 -57.46
C ASP C 83 29.04 12.99 -58.23
N THR C 84 28.72 14.24 -57.90
CA THR C 84 29.32 15.40 -58.56
C THR C 84 29.74 16.41 -57.50
N PRO C 85 30.96 16.97 -57.65
CA PRO C 85 31.49 17.94 -56.69
C PRO C 85 30.60 19.16 -56.54
N PHE C 86 30.28 19.52 -55.30
CA PHE C 86 29.43 20.68 -55.04
C PHE C 86 30.26 21.86 -54.58
N THR C 87 29.91 23.04 -55.08
CA THR C 87 30.63 24.26 -54.74
C THR C 87 29.81 25.16 -53.82
N PHE C 88 30.27 25.32 -52.59
CA PHE C 88 29.62 26.21 -51.63
C PHE C 88 29.81 27.67 -52.02
N SER C 89 29.09 28.56 -51.34
CA SER C 89 29.15 29.98 -51.67
C SER C 89 30.43 30.67 -51.18
N ASP C 90 31.31 29.91 -50.53
CA ASP C 90 32.56 30.48 -50.04
C ASP C 90 33.76 29.97 -50.83
N GLY C 91 33.50 29.24 -51.91
CA GLY C 91 34.56 28.76 -52.78
C GLY C 91 35.04 27.36 -52.46
N THR C 92 34.66 26.85 -51.30
CA THR C 92 35.06 25.51 -50.88
C THR C 92 34.31 24.44 -51.65
N VAL C 93 34.99 23.33 -51.94
CA VAL C 93 34.38 22.24 -52.70
C VAL C 93 34.34 20.93 -51.92
N THR C 94 33.41 20.06 -52.30
CA THR C 94 33.27 18.74 -51.67
C THR C 94 34.01 17.69 -52.48
N LYS C 95 34.17 16.50 -51.90
CA LYS C 95 34.83 15.40 -52.61
C LYS C 95 33.83 14.33 -53.03
N VAL C 96 34.21 13.54 -54.03
CA VAL C 96 33.34 12.50 -54.57
C VAL C 96 33.92 11.11 -54.34
N PRO C 97 33.12 10.19 -53.78
CA PRO C 97 33.53 8.80 -53.58
C PRO C 97 33.88 8.13 -54.91
N ILE C 98 35.06 7.51 -54.96
CA ILE C 98 35.52 6.86 -56.18
C ILE C 98 34.64 5.65 -56.52
N ASN C 99 34.29 5.53 -57.80
CA ASN C 99 33.48 4.41 -58.29
C ASN C 99 32.11 4.34 -57.59
N ASN C 100 31.51 5.51 -57.37
CA ASN C 100 30.24 5.59 -56.66
C ASN C 100 29.09 4.90 -57.39
N LYS C 101 29.10 4.96 -58.71
CA LYS C 101 28.10 4.31 -59.54
C LYS C 101 26.68 4.83 -59.29
N ILE C 102 26.59 6.07 -58.80
CA ILE C 102 25.30 6.68 -58.50
C ILE C 102 24.52 7.00 -59.78
N LYS C 103 25.18 7.59 -60.76
CA LYS C 103 24.54 8.00 -61.99
C LYS C 103 23.94 6.81 -62.76
N GLU C 104 24.71 5.74 -62.88
CA GLU C 104 24.25 4.53 -63.55
C GLU C 104 23.16 3.84 -62.73
N GLY C 105 23.27 3.96 -61.40
CA GLY C 105 22.30 3.37 -60.50
C GLY C 105 20.94 4.03 -60.60
N LEU C 106 20.93 5.36 -60.61
CA LEU C 106 19.69 6.12 -60.70
C LEU C 106 19.03 5.94 -62.06
N LYS C 107 19.86 5.79 -63.09
CA LYS C 107 19.36 5.57 -64.45
C LYS C 107 18.62 4.24 -64.55
N ARG C 108 19.13 3.23 -63.84
CA ARG C 108 18.51 1.91 -63.81
C ARG C 108 17.16 1.95 -63.11
N ILE C 109 17.12 2.64 -61.98
CA ILE C 109 15.88 2.78 -61.19
C ILE C 109 14.78 3.46 -62.00
N ASP C 110 15.16 4.46 -62.78
CA ASP C 110 14.20 5.19 -63.62
C ASP C 110 13.58 4.26 -64.66
N GLN C 111 14.40 3.38 -65.24
CA GLN C 111 13.93 2.45 -66.26
C GLN C 111 13.01 1.38 -65.69
N ILE C 112 13.32 0.93 -64.47
CA ILE C 112 12.50 -0.09 -63.81
C ILE C 112 11.13 0.45 -63.43
N LEU C 113 11.10 1.65 -62.87
CA LEU C 113 9.85 2.27 -62.45
C LEU C 113 8.97 2.67 -63.64
N ALA C 114 9.58 2.80 -64.80
CA ALA C 114 8.85 3.15 -66.01
C ALA C 114 8.26 1.91 -66.67
N GLU C 115 9.04 0.84 -66.72
CA GLU C 115 8.62 -0.41 -67.34
C GLU C 115 7.56 -1.12 -66.51
N LYS C 116 7.64 -0.98 -65.20
CA LYS C 116 6.70 -1.65 -64.30
C LYS C 116 5.54 -0.75 -63.90
N ASN C 117 5.43 0.39 -64.59
CA ASN C 117 4.32 1.33 -64.39
C ASN C 117 4.17 1.77 -62.93
N ASN C 118 5.28 2.20 -62.33
CA ASN C 118 5.30 2.69 -60.95
C ASN C 118 4.76 1.65 -59.96
N PHE C 119 4.97 0.37 -60.28
CA PHE C 119 4.54 -0.75 -59.45
C PHE C 119 3.03 -0.75 -59.22
N GLN C 120 2.29 -0.15 -60.16
CA GLN C 120 0.84 -0.12 -60.09
C GLN C 120 0.21 -1.31 -60.82
N GLY C 121 -0.97 -1.70 -60.39
CA GLY C 121 -1.66 -2.83 -60.99
C GLY C 121 -0.96 -4.13 -60.68
N LEU C 122 -0.42 -4.23 -59.48
CA LEU C 122 0.29 -5.43 -59.05
C LEU C 122 -0.34 -6.03 -57.80
N SER C 123 -0.07 -7.31 -57.57
CA SER C 123 -0.49 -7.95 -56.33
C SER C 123 0.46 -7.51 -55.23
N ARG C 124 0.07 -7.72 -53.98
CA ARG C 124 0.89 -7.29 -52.86
C ARG C 124 2.20 -8.08 -52.82
N LYS C 125 2.12 -9.37 -53.13
CA LYS C 125 3.31 -10.21 -53.18
C LYS C 125 4.28 -9.73 -54.26
N GLU C 126 3.74 -9.38 -55.42
CA GLU C 126 4.56 -8.87 -56.52
C GLU C 126 5.12 -7.49 -56.17
N PHE C 127 4.31 -6.69 -55.49
CA PHE C 127 4.71 -5.34 -55.09
C PHE C 127 5.90 -5.37 -54.14
N ILE C 128 5.87 -6.31 -53.20
CA ILE C 128 6.94 -6.45 -52.21
C ILE C 128 8.26 -6.81 -52.88
N HIS C 129 8.20 -7.75 -53.82
CA HIS C 129 9.40 -8.21 -54.52
C HIS C 129 9.98 -7.13 -55.44
N GLU C 130 9.13 -6.20 -55.87
CA GLU C 130 9.56 -5.14 -56.77
C GLU C 130 10.15 -3.95 -56.02
N VAL C 131 9.52 -3.59 -54.90
CA VAL C 131 9.98 -2.46 -54.10
C VAL C 131 11.29 -2.82 -53.39
N SER C 132 11.36 -4.05 -52.88
CA SER C 132 12.54 -4.50 -52.15
C SER C 132 13.79 -4.45 -53.01
N THR C 133 13.65 -4.80 -54.28
CA THR C 133 14.78 -4.78 -55.20
C THR C 133 15.31 -3.37 -55.42
N VAL C 134 14.39 -2.44 -55.68
CA VAL C 134 14.75 -1.04 -55.91
C VAL C 134 15.26 -0.40 -54.61
N PHE C 135 14.66 -0.77 -53.50
CA PHE C 135 15.04 -0.24 -52.19
C PHE C 135 16.48 -0.61 -51.84
N ILE C 136 16.83 -1.87 -52.07
CA ILE C 136 18.19 -2.35 -51.82
C ILE C 136 19.18 -1.64 -52.73
N LEU C 137 18.81 -1.52 -54.00
CA LEU C 137 19.66 -0.83 -54.97
C LEU C 137 19.86 0.63 -54.60
N LEU C 138 18.80 1.25 -54.09
CA LEU C 138 18.86 2.65 -53.68
C LEU C 138 19.63 2.82 -52.38
N ASN C 139 19.88 1.70 -51.70
CA ASN C 139 20.69 1.72 -50.48
C ASN C 139 22.14 1.36 -50.72
N LYS C 140 22.38 0.52 -51.74
CA LYS C 140 23.73 0.14 -52.11
C LYS C 140 24.50 1.38 -52.54
N ILE C 141 23.85 2.22 -53.34
CA ILE C 141 24.39 3.51 -53.70
C ILE C 141 23.80 4.59 -52.79
N ARG C 142 24.65 5.50 -52.33
CA ARG C 142 24.19 6.60 -51.50
C ARG C 142 24.20 7.91 -52.29
N PRO C 143 23.04 8.26 -52.88
CA PRO C 143 22.94 9.44 -53.75
C PRO C 143 23.28 10.72 -52.99
N PHE C 144 22.70 10.89 -51.81
CA PHE C 144 22.94 12.08 -51.01
C PHE C 144 23.91 11.77 -49.88
N MET C 145 24.71 12.75 -49.50
CA MET C 145 25.68 12.57 -48.43
C MET C 145 24.97 12.45 -47.08
N VAL C 146 23.95 13.28 -46.89
CA VAL C 146 23.17 13.26 -45.65
C VAL C 146 21.67 13.36 -45.95
N GLY C 147 20.89 12.52 -45.28
CA GLY C 147 19.44 12.61 -45.37
C GLY C 147 18.80 11.57 -46.28
N ASN C 148 19.49 10.45 -46.48
CA ASN C 148 18.99 9.37 -47.32
C ASN C 148 17.77 8.68 -46.71
N LYS C 149 17.84 8.40 -45.41
CA LYS C 149 16.80 7.65 -44.72
C LYS C 149 15.41 8.29 -44.86
N TYR C 150 15.35 9.60 -44.67
CA TYR C 150 14.08 10.32 -44.71
C TYR C 150 13.49 10.42 -46.12
N VAL C 151 14.35 10.70 -47.10
CA VAL C 151 13.88 10.91 -48.47
C VAL C 151 13.47 9.59 -49.13
N GLN C 152 14.11 8.49 -48.74
CA GLN C 152 13.78 7.18 -49.28
C GLN C 152 12.45 6.69 -48.74
N ARG C 153 12.18 7.00 -47.46
CA ARG C 153 10.94 6.60 -46.82
C ARG C 153 9.73 7.27 -47.48
N ILE C 154 9.81 8.59 -47.61
CA ILE C 154 8.75 9.36 -48.25
C ILE C 154 8.56 8.93 -49.71
N PHE C 155 9.68 8.63 -50.36
CA PHE C 155 9.67 8.21 -51.76
C PHE C 155 8.84 6.94 -51.97
N PHE C 156 9.15 5.91 -51.20
CA PHE C 156 8.47 4.62 -51.37
C PHE C 156 7.09 4.57 -50.72
N GLU C 157 6.85 5.44 -49.74
CA GLU C 157 5.52 5.54 -49.14
C GLU C 157 4.51 6.09 -50.14
N GLN C 158 4.94 7.05 -50.95
CA GLN C 158 4.08 7.64 -51.97
C GLN C 158 3.92 6.70 -53.15
N ILE C 159 4.99 5.97 -53.48
CA ILE C 159 4.94 4.97 -54.53
C ILE C 159 3.92 3.89 -54.16
N ALA C 160 3.96 3.46 -52.91
CA ALA C 160 3.05 2.44 -52.40
C ALA C 160 1.60 2.92 -52.44
N GLU C 161 1.38 4.12 -51.91
CA GLU C 161 0.04 4.71 -51.87
C GLU C 161 -0.59 4.81 -53.25
N ALA C 162 0.24 5.07 -54.26
CA ALA C 162 -0.22 5.15 -55.63
C ALA C 162 -0.46 3.76 -56.22
N ALA C 163 0.12 2.75 -55.58
CA ALA C 163 0.02 1.37 -56.07
C ALA C 163 -1.10 0.61 -55.37
N GLY C 164 -1.84 1.29 -54.50
CA GLY C 164 -2.96 0.68 -53.81
C GLY C 164 -2.58 -0.04 -52.53
N HIS C 165 -1.28 -0.11 -52.27
CA HIS C 165 -0.79 -0.76 -51.05
C HIS C 165 -0.30 0.30 -50.07
N LYS C 166 -0.09 -0.09 -48.81
CA LYS C 166 0.34 0.87 -47.80
C LYS C 166 1.54 0.35 -47.00
N LEU C 167 2.54 1.21 -46.82
CA LEU C 167 3.73 0.86 -46.05
C LEU C 167 3.84 1.72 -44.78
N ASP C 168 4.03 1.05 -43.65
CA ASP C 168 4.21 1.74 -42.37
C ASP C 168 5.62 1.51 -41.84
N PHE C 169 6.53 2.44 -42.12
CA PHE C 169 7.93 2.32 -41.73
C PHE C 169 8.16 2.64 -40.25
N SER C 170 7.11 3.06 -39.56
CA SER C 170 7.23 3.47 -38.16
C SER C 170 7.51 2.30 -37.22
N VAL C 171 7.20 1.09 -37.65
CA VAL C 171 7.36 -0.09 -36.80
C VAL C 171 8.64 -0.87 -37.12
N VAL C 172 9.59 -0.22 -37.78
CA VAL C 172 10.87 -0.84 -38.08
C VAL C 172 11.98 -0.28 -37.21
N THR C 173 12.67 -1.16 -36.50
CA THR C 173 13.81 -0.76 -35.68
C THR C 173 15.03 -0.47 -36.55
N GLU C 174 15.97 0.29 -36.01
CA GLU C 174 17.18 0.65 -36.75
C GLU C 174 18.05 -0.59 -36.98
N LYS C 175 17.97 -1.55 -36.06
CA LYS C 175 18.78 -2.76 -36.15
C LYS C 175 18.27 -3.72 -37.22
N ARG C 176 16.95 -3.80 -37.35
CA ARG C 176 16.35 -4.70 -38.34
C ARG C 176 16.64 -4.23 -39.76
N MET C 177 16.52 -2.93 -39.98
CA MET C 177 16.80 -2.35 -41.29
C MET C 177 18.27 -2.50 -41.66
N GLN C 178 19.14 -2.33 -40.67
CA GLN C 178 20.58 -2.44 -40.89
C GLN C 178 20.96 -3.85 -41.31
N PHE C 179 20.33 -4.84 -40.69
CA PHE C 179 20.60 -6.24 -41.03
C PHE C 179 20.02 -6.60 -42.39
N ALA C 180 18.83 -6.08 -42.68
CA ALA C 180 18.15 -6.35 -43.94
C ALA C 180 18.98 -5.85 -45.12
N ILE C 181 19.61 -4.69 -44.95
CA ILE C 181 20.47 -4.13 -45.98
C ILE C 181 21.75 -4.95 -46.10
N HIS C 182 22.34 -5.30 -44.96
CA HIS C 182 23.57 -6.09 -44.93
C HIS C 182 23.39 -7.48 -45.51
N ALA C 183 22.18 -8.02 -45.38
CA ALA C 183 21.90 -9.37 -45.85
C ALA C 183 22.04 -9.47 -47.37
N ALA C 184 21.47 -8.50 -48.08
CA ALA C 184 21.54 -8.46 -49.53
C ALA C 184 22.52 -7.40 -49.99
N LEU C 185 23.77 -7.51 -49.54
CA LEU C 185 24.84 -6.61 -49.98
C LEU C 185 26.20 -7.27 -49.85
N GLY C 194 23.63 -12.52 -52.54
CA GLY C 194 22.95 -11.62 -51.64
C GLY C 194 21.64 -12.20 -51.13
N ASN C 195 21.41 -12.09 -49.82
CA ASN C 195 20.20 -12.60 -49.22
C ASN C 195 19.12 -11.53 -49.10
N ILE C 196 18.14 -11.56 -50.01
CA ILE C 196 17.07 -10.57 -50.02
C ILE C 196 15.90 -10.98 -49.13
N THR C 197 15.98 -12.19 -48.57
CA THR C 197 14.92 -12.72 -47.73
C THR C 197 14.57 -11.85 -46.51
N PRO C 198 15.57 -11.31 -45.79
CA PRO C 198 15.19 -10.42 -44.69
C PRO C 198 14.47 -9.16 -45.15
N MET C 199 14.84 -8.65 -46.33
CA MET C 199 14.19 -7.47 -46.88
C MET C 199 12.75 -7.78 -47.26
N LEU C 200 12.55 -8.95 -47.85
CA LEU C 200 11.20 -9.41 -48.22
C LEU C 200 10.34 -9.57 -46.97
N HIS C 201 10.91 -10.15 -45.92
CA HIS C 201 10.21 -10.31 -44.65
C HIS C 201 9.84 -8.96 -44.04
N LEU C 202 10.73 -7.98 -44.21
CA LEU C 202 10.50 -6.64 -43.69
C LEU C 202 9.29 -6.02 -44.36
N PHE C 203 9.34 -5.91 -45.68
CA PHE C 203 8.27 -5.28 -46.45
C PHE C 203 6.94 -6.03 -46.36
N GLU C 204 7.02 -7.34 -46.13
CA GLU C 204 5.80 -8.14 -46.02
C GLU C 204 5.07 -7.83 -44.72
N ASP C 205 5.83 -7.62 -43.65
CA ASP C 205 5.26 -7.23 -42.37
C ASP C 205 4.73 -5.80 -42.45
N ILE C 206 5.47 -4.96 -43.17
CA ILE C 206 5.16 -3.55 -43.30
C ILE C 206 3.88 -3.31 -44.10
N SER C 207 3.68 -4.11 -45.13
CA SER C 207 2.51 -3.95 -45.99
C SER C 207 1.30 -4.71 -45.44
N ASN C 208 1.47 -5.27 -44.24
CA ASN C 208 0.39 -5.99 -43.58
C ASN C 208 -0.11 -5.23 -42.36
N PRO C 209 -1.27 -4.56 -42.50
CA PRO C 209 -1.89 -3.74 -41.45
C PRO C 209 -2.08 -4.50 -40.14
N GLU C 210 -2.47 -5.77 -40.25
CA GLU C 210 -2.70 -6.61 -39.09
C GLU C 210 -1.40 -6.87 -38.32
N LYS C 211 -0.32 -7.11 -39.06
CA LYS C 211 0.98 -7.35 -38.44
C LYS C 211 1.56 -6.08 -37.83
N VAL C 212 1.30 -4.95 -38.47
CA VAL C 212 1.77 -3.66 -37.96
C VAL C 212 1.16 -3.37 -36.60
N GLY C 213 -0.12 -3.72 -36.44
CA GLY C 213 -0.80 -3.55 -35.18
C GLY C 213 -0.21 -4.39 -34.07
N ILE C 214 0.19 -5.62 -34.41
CA ILE C 214 0.79 -6.53 -33.45
C ILE C 214 2.17 -6.03 -33.02
N LEU C 215 2.93 -5.51 -33.97
CA LEU C 215 4.25 -4.97 -33.70
C LEU C 215 4.19 -3.78 -32.75
N LYS C 216 3.11 -3.01 -32.84
CA LYS C 216 2.90 -1.85 -31.99
C LYS C 216 2.64 -2.24 -30.53
N GLU C 217 2.19 -3.47 -30.32
CA GLU C 217 1.85 -3.95 -28.99
C GLU C 217 3.08 -4.45 -28.22
N PHE C 218 4.23 -4.44 -28.88
CA PHE C 218 5.46 -4.91 -28.25
C PHE C 218 6.54 -3.82 -28.22
N MET C 219 6.16 -2.61 -28.62
CA MET C 219 7.08 -1.48 -28.56
C MET C 219 7.14 -0.94 -27.14
N ILE C 220 7.99 -1.56 -26.31
CA ILE C 220 8.12 -1.19 -24.91
C ILE C 220 8.63 0.24 -24.74
N HIS D 7 12.26 7.04 36.73
CA HIS D 7 13.18 7.09 35.60
C HIS D 7 14.48 7.80 35.97
N HIS D 8 15.52 7.62 35.15
CA HIS D 8 16.78 8.32 35.33
C HIS D 8 16.76 9.71 34.70
N MET D 9 15.81 9.92 33.80
CA MET D 9 15.68 11.20 33.11
C MET D 9 15.18 12.30 34.03
N ILE D 10 14.17 11.96 34.83
CA ILE D 10 13.61 12.90 35.79
C ILE D 10 14.64 13.24 36.87
N SER D 11 15.51 12.28 37.17
CA SER D 11 16.55 12.46 38.17
C SER D 11 17.71 13.30 37.65
N PHE D 12 18.03 13.13 36.39
CA PHE D 12 19.16 13.82 35.79
C PHE D 12 18.94 15.32 35.68
N TYR D 13 17.72 15.72 35.33
CA TYR D 13 17.40 17.13 35.14
C TYR D 13 16.92 17.81 36.41
N GLY D 14 17.13 17.16 37.56
CA GLY D 14 16.86 17.76 38.85
C GLY D 14 15.39 18.01 39.14
N TYR D 15 14.55 17.01 38.86
CA TYR D 15 13.13 17.10 39.17
C TYR D 15 12.80 16.26 40.40
N THR D 16 13.75 15.44 40.82
CA THR D 16 13.55 14.56 41.97
C THR D 16 14.36 15.02 43.18
N HIS D 17 14.19 14.31 44.29
CA HIS D 17 14.96 14.57 45.50
C HIS D 17 16.33 13.92 45.44
N PHE D 18 17.09 14.05 46.53
CA PHE D 18 18.42 13.45 46.62
C PHE D 18 18.28 11.94 46.64
N ASP D 19 17.11 11.46 47.02
CA ASP D 19 16.78 10.05 47.00
C ASP D 19 16.99 9.45 45.61
N GLY D 20 16.48 10.12 44.59
CA GLY D 20 16.76 9.75 43.22
C GLY D 20 15.55 9.24 42.47
N ARG D 21 14.41 9.23 43.13
CA ARG D 21 13.20 8.66 42.54
C ARG D 21 11.93 9.38 43.00
N THR D 22 12.08 10.26 43.99
CA THR D 22 10.92 10.94 44.56
C THR D 22 10.76 12.33 43.99
N LEU D 23 9.66 12.53 43.25
CA LEU D 23 9.36 13.82 42.62
C LEU D 23 9.14 14.92 43.66
N LYS D 24 9.72 16.08 43.41
CA LYS D 24 9.48 17.25 44.25
C LYS D 24 8.03 17.70 44.11
N ASN D 25 7.26 17.57 45.17
CA ASN D 25 5.84 17.88 45.12
C ASN D 25 5.40 18.91 46.16
N LYS D 26 4.21 19.46 45.95
CA LYS D 26 3.65 20.47 46.85
C LYS D 26 3.08 19.86 48.13
N TYR D 27 2.91 18.54 48.13
CA TYR D 27 2.33 17.85 49.27
C TYR D 27 3.39 17.46 50.30
N GLY D 28 4.62 17.30 49.84
CA GLY D 28 5.71 16.87 50.71
C GLY D 28 5.59 15.41 51.08
N MET D 29 4.96 14.64 50.19
CA MET D 29 4.76 13.22 50.42
C MET D 29 5.80 12.41 49.65
N GLN D 30 5.95 11.13 50.00
CA GLN D 30 6.91 10.27 49.33
C GLN D 30 6.40 8.84 49.18
N GLY D 31 6.93 8.12 48.20
CA GLY D 31 6.61 6.74 48.00
C GLY D 31 5.21 6.50 47.44
N LYS D 32 4.62 5.36 47.81
CA LYS D 32 3.30 4.98 47.34
C LYS D 32 2.23 5.99 47.75
N ALA D 33 2.43 6.63 48.89
CA ALA D 33 1.49 7.64 49.38
C ALA D 33 1.38 8.81 48.43
N LEU D 34 2.49 9.17 47.80
CA LEU D 34 2.52 10.26 46.83
C LEU D 34 1.76 9.89 45.56
N GLN D 35 1.94 8.65 45.10
CA GLN D 35 1.30 8.18 43.88
C GLN D 35 -0.22 8.12 43.98
N GLU D 36 -0.72 7.69 45.14
CA GLU D 36 -2.15 7.58 45.35
C GLU D 36 -2.79 8.98 45.42
N ARG D 37 -2.14 9.87 46.15
CA ARG D 37 -2.64 11.23 46.34
C ARG D 37 -2.60 12.02 45.03
N CYS D 38 -1.56 11.79 44.23
CA CYS D 38 -1.44 12.46 42.94
C CYS D 38 -2.53 11.99 42.00
N ALA D 39 -2.79 10.70 42.01
CA ALA D 39 -3.80 10.10 41.15
C ALA D 39 -5.20 10.57 41.54
N TYR D 40 -5.40 10.80 42.84
CA TYR D 40 -6.69 11.24 43.35
C TYR D 40 -7.01 12.65 42.86
N ASP D 41 -6.02 13.54 42.93
CA ASP D 41 -6.18 14.91 42.46
C ASP D 41 -6.28 14.94 40.94
N LEU D 42 -5.58 14.01 40.29
CA LEU D 42 -5.59 13.91 38.84
C LEU D 42 -6.96 13.49 38.32
N LEU D 43 -7.61 12.57 39.05
CA LEU D 43 -8.94 12.11 38.67
C LEU D 43 -9.98 13.21 38.84
N GLN D 44 -9.83 13.98 39.90
CA GLN D 44 -10.72 15.11 40.16
C GLN D 44 -10.55 16.19 39.10
N ALA D 45 -9.31 16.42 38.69
CA ALA D 45 -9.00 17.44 37.71
C ALA D 45 -9.63 17.13 36.36
N MET D 46 -9.63 15.85 35.99
CA MET D 46 -10.22 15.41 34.73
C MET D 46 -11.74 15.65 34.73
N LEU D 47 -12.36 15.45 35.89
CA LEU D 47 -13.80 15.68 36.03
C LEU D 47 -14.14 17.15 35.84
N ASN D 48 -13.32 18.02 36.44
CA ASN D 48 -13.53 19.47 36.33
C ASN D 48 -13.24 20.00 34.93
N LEU D 49 -12.31 19.38 34.24
CA LEU D 49 -11.95 19.80 32.89
C LEU D 49 -13.09 19.56 31.90
N ARG D 50 -13.86 18.50 32.14
CA ARG D 50 -14.99 18.18 31.27
C ARG D 50 -16.18 19.10 31.53
N LYS D 51 -16.26 19.61 32.76
CA LYS D 51 -17.32 20.54 33.14
C LYS D 51 -17.21 21.84 32.34
N GLU D 52 -15.97 22.27 32.10
CA GLU D 52 -15.71 23.47 31.33
C GLU D 52 -15.95 23.22 29.84
N PRO D 53 -16.47 24.23 29.12
CA PRO D 53 -16.73 24.09 27.69
C PRO D 53 -15.45 24.09 26.85
N LEU D 54 -15.54 23.58 25.62
CA LEU D 54 -14.40 23.54 24.72
C LEU D 54 -13.99 24.94 24.27
N PRO D 55 -12.68 25.15 24.07
CA PRO D 55 -12.16 26.44 23.62
C PRO D 55 -12.42 26.69 22.14
N GLU D 56 -12.30 27.94 21.71
CA GLU D 56 -12.52 28.30 20.31
C GLU D 56 -11.30 27.96 19.46
N LYS D 57 -10.13 28.04 20.06
CA LYS D 57 -8.88 27.74 19.35
C LYS D 57 -7.97 26.83 20.17
N PHE D 58 -7.43 25.81 19.51
CA PHE D 58 -6.50 24.89 20.15
C PHE D 58 -5.05 25.22 19.79
N ASP D 59 -4.27 25.60 20.78
CA ASP D 59 -2.86 25.90 20.57
C ASP D 59 -1.98 25.35 21.70
N SER D 60 -0.70 25.67 21.66
CA SER D 60 0.24 25.20 22.67
C SER D 60 -0.07 25.82 24.03
N SER D 61 -0.66 27.02 24.02
CA SER D 61 -1.04 27.70 25.25
C SER D 61 -2.12 26.91 25.98
N TYR D 62 -3.08 26.39 25.21
CA TYR D 62 -4.15 25.56 25.77
C TYR D 62 -3.59 24.24 26.29
N LEU D 63 -2.57 23.73 25.61
CA LEU D 63 -1.90 22.50 26.04
C LEU D 63 -1.26 22.67 27.41
N LYS D 64 -0.60 23.82 27.60
CA LYS D 64 0.01 24.14 28.88
C LYS D 64 -1.06 24.34 29.95
N TYR D 65 -2.21 24.87 29.54
CA TYR D 65 -3.34 25.07 30.44
C TYR D 65 -3.87 23.74 30.98
N LEU D 66 -3.96 22.75 30.11
CA LEU D 66 -4.42 21.42 30.50
C LEU D 66 -3.44 20.78 31.49
N HIS D 67 -2.15 20.90 31.20
CA HIS D 67 -1.12 20.34 32.07
C HIS D 67 -1.12 21.04 33.42
N GLN D 68 -1.46 22.33 33.40
CA GLN D 68 -1.54 23.12 34.62
C GLN D 68 -2.68 22.64 35.51
N ARG D 69 -3.87 22.55 34.94
CA ARG D 69 -5.06 22.15 35.68
C ARG D 69 -4.94 20.75 36.28
N LEU D 70 -4.21 19.88 35.59
CA LEU D 70 -4.06 18.49 36.02
C LEU D 70 -3.07 18.30 37.18
N TYR D 71 -1.99 19.07 37.17
CA TYR D 71 -0.90 18.83 38.12
C TYR D 71 -0.55 20.03 39.01
N GLU D 72 -1.43 21.02 39.10
CA GLU D 72 -1.14 22.20 39.89
C GLU D 72 -1.14 21.89 41.39
N LYS D 73 -1.88 20.85 41.77
CA LYS D 73 -1.95 20.44 43.16
C LYS D 73 -0.78 19.53 43.52
N MET D 74 -0.09 19.06 42.49
CA MET D 74 1.02 18.12 42.68
C MET D 74 2.38 18.78 42.47
N PHE D 75 2.52 19.47 41.34
CA PHE D 75 3.81 20.05 40.97
C PHE D 75 3.76 21.57 40.85
N GLU D 76 4.88 22.22 41.18
CA GLU D 76 4.98 23.67 41.09
C GLU D 76 5.15 24.11 39.64
N TRP D 77 5.63 23.20 38.81
CA TRP D 77 5.87 23.47 37.40
C TRP D 77 4.70 23.02 36.54
N ALA D 78 3.48 23.26 37.04
CA ALA D 78 2.26 22.75 36.42
C ALA D 78 2.15 23.04 34.92
N GLY D 79 1.96 24.32 34.58
CA GLY D 79 1.76 24.69 33.18
C GLY D 79 3.05 25.05 32.48
N CYS D 80 4.17 24.51 32.96
CA CYS D 80 5.48 24.86 32.42
C CYS D 80 6.08 23.71 31.60
N THR D 81 6.65 24.05 30.45
CA THR D 81 7.36 23.09 29.63
C THR D 81 8.82 23.02 30.07
N CYS D 82 9.48 21.90 29.76
CA CYS D 82 10.84 21.68 30.25
C CYS D 82 11.89 22.27 29.31
N ASP D 83 11.45 23.12 28.38
CA ASP D 83 12.36 23.81 27.48
C ASP D 83 12.98 25.03 28.15
N THR D 84 12.47 25.36 29.34
CA THR D 84 12.95 26.49 30.11
C THR D 84 13.19 26.08 31.56
N PRO D 85 14.33 26.51 32.13
CA PRO D 85 14.71 26.15 33.50
C PRO D 85 13.67 26.61 34.53
N PHE D 86 13.27 25.69 35.40
CA PHE D 86 12.29 26.01 36.43
C PHE D 86 12.95 26.14 37.80
N THR D 87 12.51 27.13 38.58
CA THR D 87 13.05 27.36 39.91
C THR D 87 12.04 26.98 41.00
N PHE D 88 12.38 25.97 41.79
CA PHE D 88 11.53 25.54 42.89
C PHE D 88 11.50 26.57 44.01
N SER D 89 10.60 26.37 44.96
CA SER D 89 10.42 27.30 46.07
C SER D 89 11.52 27.19 47.13
N ASP D 90 12.47 26.28 46.91
CA ASP D 90 13.58 26.11 47.84
C ASP D 90 14.90 26.60 47.26
N GLY D 91 14.82 27.24 46.09
CA GLY D 91 16.00 27.81 45.45
C GLY D 91 16.66 26.88 44.45
N THR D 92 16.29 25.61 44.46
CA THR D 92 16.86 24.64 43.53
C THR D 92 16.29 24.84 42.13
N VAL D 93 17.12 24.61 41.12
CA VAL D 93 16.71 24.78 39.74
C VAL D 93 16.82 23.48 38.94
N THR D 94 16.04 23.38 37.86
CA THR D 94 16.06 22.21 37.00
C THR D 94 17.00 22.42 35.82
N LYS D 95 17.31 21.34 35.10
CA LYS D 95 18.14 21.41 33.92
C LYS D 95 17.30 21.22 32.66
N VAL D 96 17.83 21.67 31.52
CA VAL D 96 17.11 21.59 30.26
C VAL D 96 17.79 20.65 29.27
N PRO D 97 17.03 19.70 28.71
CA PRO D 97 17.54 18.77 27.69
C PRO D 97 18.08 19.50 26.46
N ILE D 98 19.31 19.15 26.07
CA ILE D 98 19.95 19.79 24.94
C ILE D 98 19.25 19.44 23.63
N ASN D 99 19.07 20.44 22.77
CA ASN D 99 18.44 20.25 21.46
C ASN D 99 17.03 19.68 21.56
N ASN D 100 16.27 20.16 22.53
CA ASN D 100 14.92 19.66 22.80
C ASN D 100 13.96 19.93 21.64
N LYS D 101 14.13 21.07 20.98
CA LYS D 101 13.32 21.47 19.83
C LYS D 101 11.85 21.62 20.19
N ILE D 102 11.58 21.88 21.47
CA ILE D 102 10.21 22.05 21.95
C ILE D 102 9.58 23.34 21.46
N LYS D 103 10.34 24.43 21.55
CA LYS D 103 9.82 25.75 21.18
C LYS D 103 9.42 25.84 19.71
N GLU D 104 10.29 25.36 18.82
CA GLU D 104 9.98 25.34 17.40
C GLU D 104 8.89 24.31 17.08
N GLY D 105 8.87 23.23 17.85
CA GLY D 105 7.89 22.17 17.67
C GLY D 105 6.48 22.62 18.01
N LEU D 106 6.34 23.30 19.16
CA LEU D 106 5.04 23.79 19.59
C LEU D 106 4.56 24.92 18.70
N LYS D 107 5.51 25.72 18.20
CA LYS D 107 5.20 26.81 17.28
C LYS D 107 4.64 26.25 15.97
N ARG D 108 5.19 25.13 15.54
CA ARG D 108 4.75 24.46 14.32
C ARG D 108 3.33 23.92 14.48
N ILE D 109 3.06 23.30 15.62
CA ILE D 109 1.74 22.75 15.92
C ILE D 109 0.69 23.87 15.92
N ASP D 110 1.07 25.02 16.48
CA ASP D 110 0.19 26.18 16.53
C ASP D 110 -0.16 26.68 15.13
N GLN D 111 0.83 26.67 14.24
CA GLN D 111 0.65 27.14 12.88
C GLN D 111 -0.24 26.20 12.06
N ILE D 112 -0.10 24.90 12.29
CA ILE D 112 -0.90 23.90 11.59
C ILE D 112 -2.37 23.97 12.03
N LEU D 113 -2.58 24.08 13.33
CA LEU D 113 -3.93 24.12 13.89
C LEU D 113 -4.65 25.42 13.55
N ALA D 114 -3.88 26.45 13.18
CA ALA D 114 -4.45 27.73 12.80
C ALA D 114 -4.83 27.73 11.32
N GLU D 115 -3.95 27.16 10.49
CA GLU D 115 -4.17 27.11 9.06
C GLU D 115 -5.27 26.12 8.67
N LYS D 116 -5.38 25.04 9.43
CA LYS D 116 -6.36 24.00 9.13
C LYS D 116 -7.65 24.17 9.94
N ASN D 117 -7.78 25.33 10.59
CA ASN D 117 -8.98 25.69 11.35
C ASN D 117 -9.37 24.63 12.39
N ASN D 118 -8.40 24.22 13.20
CA ASN D 118 -8.61 23.25 14.26
C ASN D 118 -9.19 21.93 13.77
N PHE D 119 -8.88 21.57 12.53
CA PHE D 119 -9.34 20.34 11.90
C PHE D 119 -10.87 20.24 11.87
N GLN D 120 -11.53 21.39 11.90
CA GLN D 120 -12.99 21.45 11.83
C GLN D 120 -13.48 21.59 10.39
N GLY D 121 -14.69 21.12 10.13
CA GLY D 121 -15.27 21.17 8.80
C GLY D 121 -14.55 20.22 7.86
N LEU D 122 -14.15 19.07 8.39
CA LEU D 122 -13.46 18.05 7.61
C LEU D 122 -14.22 16.73 7.62
N SER D 123 -13.93 15.88 6.64
CA SER D 123 -14.48 14.53 6.61
C SER D 123 -13.73 13.66 7.60
N ARG D 124 -14.27 12.49 7.92
CA ARG D 124 -13.63 11.61 8.90
C ARG D 124 -12.29 11.12 8.37
N LYS D 125 -12.25 10.80 7.08
CA LYS D 125 -11.01 10.36 6.44
C LYS D 125 -9.94 11.45 6.44
N GLU D 126 -10.36 12.68 6.14
CA GLU D 126 -9.44 13.81 6.12
C GLU D 126 -8.95 14.15 7.52
N PHE D 127 -9.83 14.01 8.50
CA PHE D 127 -9.50 14.30 9.89
C PHE D 127 -8.40 13.38 10.40
N ILE D 128 -8.49 12.10 10.03
CA ILE D 128 -7.52 11.10 10.45
C ILE D 128 -6.13 11.43 9.90
N HIS D 129 -6.06 11.79 8.63
CA HIS D 129 -4.79 12.10 7.98
C HIS D 129 -4.16 13.38 8.52
N GLU D 130 -5.00 14.26 9.05
CA GLU D 130 -4.54 15.54 9.59
C GLU D 130 -4.10 15.41 11.04
N VAL D 131 -4.87 14.64 11.82
CA VAL D 131 -4.59 14.44 13.24
C VAL D 131 -3.35 13.60 13.49
N SER D 132 -3.17 12.56 12.67
CA SER D 132 -2.06 11.62 12.85
C SER D 132 -0.69 12.28 12.78
N THR D 133 -0.53 13.24 11.88
CA THR D 133 0.74 13.95 11.72
C THR D 133 1.09 14.78 12.96
N VAL D 134 0.11 15.54 13.45
CA VAL D 134 0.30 16.38 14.61
C VAL D 134 0.52 15.56 15.88
N PHE D 135 -0.17 14.43 15.97
CA PHE D 135 -0.07 13.55 17.13
C PHE D 135 1.35 12.98 17.29
N ILE D 136 1.93 12.54 16.17
CA ILE D 136 3.28 12.00 16.17
C ILE D 136 4.30 13.08 16.54
N LEU D 137 4.10 14.28 16.01
CA LEU D 137 5.00 15.41 16.28
C LEU D 137 5.03 15.81 17.76
N LEU D 138 3.88 15.76 18.41
CA LEU D 138 3.73 16.10 19.82
C LEU D 138 4.33 14.99 20.69
N ASN D 139 4.61 13.87 20.05
CA ASN D 139 5.21 12.72 20.66
C ASN D 139 6.72 12.62 20.46
N LYS D 140 7.20 13.17 19.36
CA LYS D 140 8.64 13.24 19.10
C LYS D 140 9.29 14.19 20.08
N ILE D 141 8.63 15.32 20.31
CA ILE D 141 9.06 16.26 21.33
C ILE D 141 8.26 16.07 22.62
N ARG D 142 8.94 16.10 23.76
CA ARG D 142 8.28 15.97 25.04
C ARG D 142 8.27 17.32 25.78
N PRO D 143 7.18 18.09 25.61
CA PRO D 143 7.08 19.43 26.19
C PRO D 143 7.18 19.41 27.72
N PHE D 144 6.44 18.50 28.35
CA PHE D 144 6.42 18.41 29.80
C PHE D 144 7.30 17.26 30.28
N MET D 145 7.89 17.42 31.45
CA MET D 145 8.77 16.39 32.01
C MET D 145 7.98 15.17 32.44
N VAL D 146 6.82 15.39 33.06
CA VAL D 146 5.96 14.30 33.51
C VAL D 146 4.50 14.60 33.18
N GLY D 147 3.80 13.61 32.63
CA GLY D 147 2.37 13.73 32.39
C GLY D 147 2.00 14.05 30.96
N ASN D 148 2.86 13.70 30.01
CA ASN D 148 2.59 13.95 28.60
C ASN D 148 1.43 13.11 28.06
N LYS D 149 1.41 11.84 28.44
CA LYS D 149 0.40 10.90 27.93
C LYS D 149 -1.02 11.38 28.22
N TYR D 150 -1.24 11.86 29.44
CA TYR D 150 -2.58 12.28 29.85
C TYR D 150 -3.01 13.59 29.19
N VAL D 151 -2.10 14.55 29.11
CA VAL D 151 -2.45 15.86 28.56
C VAL D 151 -2.62 15.82 27.05
N GLN D 152 -1.88 14.94 26.39
CA GLN D 152 -1.99 14.79 24.94
C GLN D 152 -3.28 14.07 24.56
N ARG D 153 -3.68 13.11 25.38
CA ARG D 153 -4.91 12.37 25.14
C ARG D 153 -6.13 13.28 25.23
N ILE D 154 -6.21 14.03 26.33
CA ILE D 154 -7.30 14.98 26.53
C ILE D 154 -7.29 16.06 25.45
N PHE D 155 -6.09 16.46 25.03
CA PHE D 155 -5.92 17.50 24.02
C PHE D 155 -6.61 17.12 22.70
N PHE D 156 -6.30 15.94 22.19
CA PHE D 156 -6.84 15.49 20.92
C PHE D 156 -8.27 14.99 21.02
N GLU D 157 -8.67 14.56 22.21
CA GLU D 157 -10.05 14.14 22.44
C GLU D 157 -10.99 15.33 22.34
N GLN D 158 -10.55 16.47 22.85
CA GLN D 158 -11.35 17.69 22.79
C GLN D 158 -11.32 18.31 21.40
N ILE D 159 -10.19 18.19 20.72
CA ILE D 159 -10.06 18.65 19.34
C ILE D 159 -11.03 17.91 18.44
N ALA D 160 -11.09 16.59 18.63
CA ALA D 160 -11.97 15.74 17.84
C ALA D 160 -13.43 16.08 18.11
N GLU D 161 -13.78 16.16 19.39
CA GLU D 161 -15.15 16.47 19.82
C GLU D 161 -15.62 17.80 19.24
N ALA D 162 -14.70 18.75 19.11
CA ALA D 162 -15.00 20.05 18.53
C ALA D 162 -15.08 19.96 17.02
N ALA D 163 -14.54 18.89 16.45
CA ALA D 163 -14.50 18.71 15.00
C ALA D 163 -15.65 17.84 14.52
N GLY D 164 -16.53 17.45 15.43
CA GLY D 164 -17.70 16.66 15.09
C GLY D 164 -17.43 15.17 15.09
N HIS D 165 -16.18 14.80 15.30
CA HIS D 165 -15.79 13.40 15.35
C HIS D 165 -15.51 12.98 16.80
N LYS D 166 -15.43 11.67 17.04
CA LYS D 166 -15.20 11.17 18.39
C LYS D 166 -14.09 10.14 18.43
N LEU D 167 -13.18 10.29 19.40
CA LEU D 167 -12.09 9.35 19.57
C LEU D 167 -12.21 8.60 20.90
N ASP D 168 -12.12 7.28 20.84
CA ASP D 168 -12.19 6.44 22.03
C ASP D 168 -10.85 5.72 22.24
N PHE D 169 -9.99 6.32 23.07
CA PHE D 169 -8.66 5.77 23.32
C PHE D 169 -8.67 4.59 24.28
N SER D 170 -9.85 4.26 24.81
CA SER D 170 -9.98 3.19 25.79
C SER D 170 -9.76 1.80 25.21
N VAL D 171 -9.92 1.69 23.89
CA VAL D 171 -9.81 0.40 23.22
C VAL D 171 -8.44 0.21 22.56
N VAL D 172 -7.46 0.99 23.01
CA VAL D 172 -6.09 0.86 22.51
C VAL D 172 -5.20 0.19 23.54
N THR D 173 -4.53 -0.88 23.12
CA THR D 173 -3.60 -1.58 23.99
C THR D 173 -2.32 -0.77 24.15
N GLU D 174 -1.58 -1.03 25.21
CA GLU D 174 -0.34 -0.30 25.48
C GLU D 174 0.71 -0.61 24.41
N LYS D 175 0.65 -1.82 23.85
CA LYS D 175 1.61 -2.26 22.86
C LYS D 175 1.35 -1.65 21.47
N ARG D 176 0.08 -1.48 21.12
CA ARG D 176 -0.28 -0.95 19.80
C ARG D 176 0.13 0.52 19.65
N MET D 177 -0.11 1.32 20.68
CA MET D 177 0.26 2.73 20.66
C MET D 177 1.78 2.87 20.59
N GLN D 178 2.48 2.01 21.31
CA GLN D 178 3.93 2.03 21.33
C GLN D 178 4.50 1.73 19.95
N PHE D 179 3.87 0.78 19.26
CA PHE D 179 4.31 0.40 17.92
C PHE D 179 4.00 1.48 16.89
N ALA D 180 2.82 2.09 17.02
CA ALA D 180 2.41 3.15 16.10
C ALA D 180 3.36 4.34 16.16
N ILE D 181 3.80 4.67 17.38
CA ILE D 181 4.76 5.74 17.60
C ILE D 181 6.14 5.33 17.09
N HIS D 182 6.53 4.10 17.43
CA HIS D 182 7.82 3.56 17.03
C HIS D 182 7.97 3.44 15.51
N ALA D 183 6.86 3.23 14.82
CA ALA D 183 6.88 3.02 13.38
C ALA D 183 7.37 4.26 12.62
N ALA D 184 6.81 5.42 12.91
CA ALA D 184 7.25 6.64 12.24
C ALA D 184 8.06 7.57 13.14
N LEU D 185 9.10 7.05 13.77
CA LEU D 185 10.02 7.86 14.56
C LEU D 185 11.37 7.15 14.69
N SER D 186 11.46 5.95 14.12
CA SER D 186 12.67 5.16 14.21
C SER D 186 13.10 4.64 12.83
N ARG D 193 10.66 3.19 9.45
CA ARG D 193 11.46 4.39 9.22
C ARG D 193 10.62 5.51 8.61
N GLY D 194 9.67 6.01 9.38
CA GLY D 194 8.80 7.09 8.92
C GLY D 194 7.47 6.57 8.41
N ASN D 195 7.04 5.43 8.95
CA ASN D 195 5.79 4.81 8.54
C ASN D 195 4.62 5.20 9.45
N ILE D 196 3.79 6.12 8.97
CA ILE D 196 2.65 6.58 9.76
C ILE D 196 1.42 5.70 9.54
N THR D 197 1.54 4.75 8.63
CA THR D 197 0.42 3.85 8.30
C THR D 197 -0.14 3.10 9.52
N PRO D 198 0.74 2.56 10.40
CA PRO D 198 0.15 1.95 11.60
C PRO D 198 -0.59 2.97 12.48
N MET D 199 -0.11 4.20 12.50
CA MET D 199 -0.76 5.27 13.25
C MET D 199 -2.12 5.60 12.63
N LEU D 200 -2.17 5.61 11.31
CA LEU D 200 -3.40 5.85 10.57
C LEU D 200 -4.45 4.77 10.86
N HIS D 201 -4.00 3.52 10.88
CA HIS D 201 -4.89 2.39 11.19
C HIS D 201 -5.48 2.53 12.58
N LEU D 202 -4.68 3.05 13.51
CA LEU D 202 -5.12 3.24 14.89
C LEU D 202 -6.27 4.24 14.94
N PHE D 203 -6.05 5.44 14.41
CA PHE D 203 -7.07 6.50 14.47
C PHE D 203 -8.34 6.15 13.70
N GLU D 204 -8.22 5.33 12.66
CA GLU D 204 -9.39 4.95 11.87
C GLU D 204 -10.28 3.99 12.67
N ASP D 205 -9.65 3.09 13.42
CA ASP D 205 -10.37 2.16 14.28
C ASP D 205 -11.00 2.95 15.42
N ILE D 206 -10.26 3.93 15.91
CA ILE D 206 -10.68 4.74 17.05
C ILE D 206 -11.86 5.65 16.69
N SER D 207 -11.86 6.18 15.48
CA SER D 207 -12.91 7.10 15.03
C SER D 207 -14.12 6.36 14.47
N ASN D 208 -14.12 5.04 14.57
CA ASN D 208 -15.23 4.23 14.10
C ASN D 208 -15.99 3.60 15.26
N PRO D 209 -17.15 4.17 15.62
CA PRO D 209 -17.97 3.72 16.74
C PRO D 209 -18.36 2.25 16.64
N GLU D 210 -18.71 1.79 15.44
CA GLU D 210 -19.08 0.41 15.22
C GLU D 210 -17.90 -0.52 15.43
N LYS D 211 -16.74 -0.08 14.92
CA LYS D 211 -15.50 -0.84 15.06
C LYS D 211 -14.97 -0.80 16.48
N VAL D 212 -15.17 0.33 17.16
CA VAL D 212 -14.76 0.49 18.54
C VAL D 212 -15.50 -0.48 19.46
N GLY D 213 -16.78 -0.70 19.16
CA GLY D 213 -17.59 -1.63 19.93
C GLY D 213 -17.10 -3.06 19.83
N ILE D 214 -16.64 -3.45 18.65
CA ILE D 214 -16.13 -4.80 18.43
C ILE D 214 -14.84 -5.03 19.22
N LEU D 215 -13.97 -4.01 19.24
CA LEU D 215 -12.73 -4.08 20.00
C LEU D 215 -12.99 -4.24 21.50
N LYS D 216 -14.10 -3.65 21.95
CA LYS D 216 -14.49 -3.70 23.35
C LYS D 216 -14.90 -5.11 23.77
N GLU D 217 -15.27 -5.94 22.79
CA GLU D 217 -15.72 -7.30 23.07
C GLU D 217 -14.55 -8.25 23.29
N PHE D 218 -13.34 -7.75 23.11
CA PHE D 218 -12.14 -8.57 23.31
C PHE D 218 -11.22 -7.94 24.35
N HIS E 5 5.55 -26.97 22.61
CA HIS E 5 4.79 -25.80 23.03
C HIS E 5 4.94 -24.69 22.01
N HIS E 6 6.17 -24.32 21.69
CA HIS E 6 6.44 -23.30 20.70
C HIS E 6 5.97 -23.88 19.37
N HIS E 7 5.73 -23.03 18.37
CA HIS E 7 5.09 -23.54 17.16
C HIS E 7 6.09 -23.91 16.08
N HIS E 8 6.69 -25.08 16.29
CA HIS E 8 7.54 -25.73 15.32
C HIS E 8 6.61 -26.50 14.40
N MET E 9 5.37 -26.63 14.86
CA MET E 9 4.31 -27.33 14.16
C MET E 9 3.91 -26.54 12.92
N ILE E 10 3.77 -25.23 13.09
CA ILE E 10 3.45 -24.35 11.97
C ILE E 10 4.62 -24.30 11.00
N SER E 11 5.83 -24.45 11.52
CA SER E 11 7.04 -24.40 10.71
C SER E 11 7.28 -25.70 9.93
N PHE E 12 6.98 -26.83 10.56
CA PHE E 12 7.23 -28.12 9.93
C PHE E 12 6.35 -28.36 8.70
N TYR E 13 5.10 -27.92 8.77
CA TYR E 13 4.16 -28.17 7.68
C TYR E 13 4.25 -27.07 6.62
N GLY E 14 5.31 -26.28 6.69
CA GLY E 14 5.64 -25.31 5.65
C GLY E 14 4.69 -24.14 5.52
N TYR E 15 4.31 -23.54 6.64
CA TYR E 15 3.45 -22.36 6.61
C TYR E 15 4.25 -21.09 6.92
N THR E 16 5.47 -21.27 7.41
CA THR E 16 6.32 -20.14 7.77
C THR E 16 7.50 -19.99 6.83
N HIS E 17 8.30 -18.95 7.04
CA HIS E 17 9.51 -18.74 6.27
C HIS E 17 10.64 -19.59 6.81
N PHE E 18 11.83 -19.46 6.23
CA PHE E 18 12.98 -20.28 6.63
C PHE E 18 13.47 -20.02 8.05
N ASP E 19 13.22 -18.82 8.57
CA ASP E 19 13.55 -18.51 9.97
C ASP E 19 12.83 -19.44 10.93
N GLY E 20 11.55 -19.68 10.70
CA GLY E 20 10.81 -20.66 11.48
C GLY E 20 9.66 -20.12 12.32
N ARG E 21 9.33 -18.85 12.17
CA ARG E 21 8.29 -18.27 13.02
C ARG E 21 7.40 -17.22 12.35
N THR E 22 7.76 -16.79 11.14
CA THR E 22 6.95 -15.77 10.45
C THR E 22 6.09 -16.42 9.37
N LEU E 23 4.78 -16.34 9.55
CA LEU E 23 3.82 -16.91 8.60
C LEU E 23 3.94 -16.28 7.21
N LYS E 24 3.89 -17.11 6.18
CA LYS E 24 3.88 -16.63 4.81
C LYS E 24 2.62 -15.82 4.52
N ASN E 25 2.78 -14.53 4.29
CA ASN E 25 1.66 -13.63 4.08
C ASN E 25 1.73 -12.89 2.75
N LYS E 26 0.61 -12.31 2.34
CA LYS E 26 0.54 -11.60 1.06
C LYS E 26 1.18 -10.22 1.13
N TYR E 27 1.48 -9.76 2.34
CA TYR E 27 2.05 -8.42 2.53
C TYR E 27 3.57 -8.44 2.44
N GLY E 28 4.17 -9.59 2.73
CA GLY E 28 5.62 -9.71 2.76
C GLY E 28 6.20 -9.03 3.98
N MET E 29 5.43 -8.99 5.06
CA MET E 29 5.86 -8.34 6.30
C MET E 29 6.37 -9.34 7.31
N GLN E 30 7.07 -8.85 8.32
CA GLN E 30 7.62 -9.70 9.38
C GLN E 30 7.56 -8.97 10.72
N GLY E 31 7.54 -9.75 11.80
CA GLY E 31 7.57 -9.19 13.14
C GLY E 31 6.28 -8.50 13.55
N LYS E 32 6.42 -7.48 14.39
CA LYS E 32 5.28 -6.72 14.91
C LYS E 32 4.46 -6.07 13.80
N ALA E 33 5.13 -5.71 12.71
CA ALA E 33 4.46 -5.08 11.57
C ALA E 33 3.42 -6.02 10.96
N LEU E 34 3.72 -7.31 10.95
CA LEU E 34 2.80 -8.31 10.44
C LEU E 34 1.57 -8.44 11.33
N GLN E 35 1.79 -8.41 12.64
CA GLN E 35 0.72 -8.53 13.61
C GLN E 35 -0.25 -7.34 13.51
N GLU E 36 0.30 -6.16 13.27
CA GLU E 36 -0.50 -4.95 13.14
C GLU E 36 -1.38 -4.99 11.90
N ARG E 37 -0.78 -5.39 10.78
CA ARG E 37 -1.50 -5.45 9.51
C ARG E 37 -2.57 -6.54 9.56
N CYS E 38 -2.23 -7.65 10.22
CA CYS E 38 -3.16 -8.77 10.36
C CYS E 38 -4.35 -8.41 11.23
N ALA E 39 -4.09 -7.74 12.35
CA ALA E 39 -5.15 -7.37 13.29
C ALA E 39 -6.10 -6.35 12.69
N TYR E 40 -5.56 -5.45 11.87
CA TYR E 40 -6.36 -4.40 11.24
C TYR E 40 -7.35 -4.98 10.23
N ASP E 41 -6.85 -5.87 9.37
CA ASP E 41 -7.69 -6.52 8.36
C ASP E 41 -8.66 -7.52 8.98
N LEU E 42 -8.24 -8.15 10.07
CA LEU E 42 -9.09 -9.11 10.77
C LEU E 42 -10.27 -8.38 11.39
N LEU E 43 -9.98 -7.19 11.91
CA LEU E 43 -11.00 -6.34 12.51
C LEU E 43 -11.96 -5.81 11.45
N GLN E 44 -11.43 -5.46 10.29
CA GLN E 44 -12.22 -4.97 9.17
C GLN E 44 -13.14 -6.07 8.63
N ALA E 45 -12.61 -7.29 8.57
CA ALA E 45 -13.36 -8.43 8.05
C ALA E 45 -14.56 -8.76 8.93
N MET E 46 -14.38 -8.66 10.24
CA MET E 46 -15.46 -8.93 11.19
C MET E 46 -16.59 -7.92 11.04
N LEU E 47 -16.23 -6.67 10.73
CA LEU E 47 -17.21 -5.62 10.52
C LEU E 47 -18.06 -5.92 9.28
N ASN E 48 -17.40 -6.40 8.23
CA ASN E 48 -18.08 -6.76 6.99
C ASN E 48 -18.95 -8.00 7.18
N LEU E 49 -18.52 -8.87 8.09
CA LEU E 49 -19.26 -10.09 8.40
C LEU E 49 -20.60 -9.76 9.04
N ARG E 50 -20.65 -8.66 9.77
CA ARG E 50 -21.87 -8.23 10.42
C ARG E 50 -22.85 -7.67 9.40
N LYS E 51 -22.31 -7.10 8.33
CA LYS E 51 -23.12 -6.56 7.24
C LYS E 51 -23.90 -7.65 6.51
N GLU E 52 -23.27 -8.81 6.33
CA GLU E 52 -23.89 -9.93 5.64
C GLU E 52 -24.94 -10.61 6.52
N PRO E 53 -26.03 -11.08 5.90
CA PRO E 53 -27.11 -11.77 6.62
C PRO E 53 -26.71 -13.19 7.04
N LEU E 54 -27.44 -13.74 8.01
CA LEU E 54 -27.18 -15.09 8.49
C LEU E 54 -27.55 -16.14 7.44
N PRO E 55 -26.79 -17.24 7.38
CA PRO E 55 -27.07 -18.31 6.44
C PRO E 55 -28.27 -19.15 6.88
N GLU E 56 -28.85 -19.91 5.95
CA GLU E 56 -29.99 -20.75 6.25
C GLU E 56 -29.56 -22.04 6.93
N LYS E 57 -28.37 -22.51 6.58
CA LYS E 57 -27.83 -23.74 7.15
C LYS E 57 -26.37 -23.57 7.59
N PHE E 58 -26.05 -24.07 8.78
CA PHE E 58 -24.69 -24.00 9.29
C PHE E 58 -23.97 -25.33 9.09
N ASP E 59 -22.93 -25.31 8.26
CA ASP E 59 -22.14 -26.51 8.00
C ASP E 59 -20.65 -26.18 7.94
N SER E 60 -19.84 -27.19 7.61
CA SER E 60 -18.40 -27.02 7.52
C SER E 60 -18.03 -26.08 6.38
N SER E 61 -18.86 -26.05 5.34
CA SER E 61 -18.63 -25.17 4.20
C SER E 61 -18.73 -23.70 4.60
N TYR E 62 -19.71 -23.38 5.44
CA TYR E 62 -19.89 -22.02 5.93
C TYR E 62 -18.76 -21.64 6.87
N LEU E 63 -18.25 -22.62 7.61
CA LEU E 63 -17.13 -22.41 8.52
C LEU E 63 -15.89 -21.97 7.74
N LYS E 64 -15.67 -22.63 6.60
CA LYS E 64 -14.56 -22.28 5.72
C LYS E 64 -14.75 -20.87 5.14
N TYR E 65 -16.01 -20.49 4.92
CA TYR E 65 -16.32 -19.16 4.41
C TYR E 65 -15.93 -18.07 5.40
N LEU E 66 -16.18 -18.32 6.67
CA LEU E 66 -15.79 -17.37 7.72
C LEU E 66 -14.27 -17.25 7.78
N HIS E 67 -13.59 -18.38 7.73
CA HIS E 67 -12.14 -18.40 7.77
C HIS E 67 -11.54 -17.75 6.53
N GLN E 68 -12.24 -17.88 5.40
CA GLN E 68 -11.79 -17.28 4.16
C GLN E 68 -11.87 -15.76 4.24
N ARG E 69 -13.03 -15.25 4.64
CA ARG E 69 -13.27 -13.81 4.74
C ARG E 69 -12.32 -13.11 5.70
N LEU E 70 -11.89 -13.81 6.74
CA LEU E 70 -11.05 -13.22 7.77
C LEU E 70 -9.59 -13.06 7.33
N TYR E 71 -9.09 -14.02 6.56
CA TYR E 71 -7.67 -14.06 6.25
C TYR E 71 -7.34 -14.03 4.75
N GLU E 72 -8.30 -13.65 3.92
CA GLU E 72 -8.09 -13.67 2.47
C GLU E 72 -7.13 -12.57 2.01
N LYS E 73 -7.05 -11.49 2.78
CA LYS E 73 -6.16 -10.39 2.43
C LYS E 73 -4.75 -10.63 2.98
N MET E 74 -4.63 -11.59 3.89
CA MET E 74 -3.36 -11.86 4.56
C MET E 74 -2.72 -13.14 4.06
N PHE E 75 -3.50 -14.23 4.04
CA PHE E 75 -2.96 -15.53 3.69
C PHE E 75 -3.62 -16.10 2.43
N GLU E 76 -2.85 -16.85 1.65
CA GLU E 76 -3.35 -17.46 0.42
C GLU E 76 -4.21 -18.69 0.71
N TRP E 77 -4.04 -19.28 1.89
CA TRP E 77 -4.79 -20.46 2.26
C TRP E 77 -6.02 -20.10 3.09
N ALA E 78 -6.68 -19.02 2.70
CA ALA E 78 -7.79 -18.44 3.47
C ALA E 78 -8.86 -19.45 3.88
N GLY E 79 -9.63 -19.93 2.91
CA GLY E 79 -10.73 -20.85 3.21
C GLY E 79 -10.34 -22.31 3.12
N CYS E 80 -9.06 -22.60 3.35
CA CYS E 80 -8.55 -23.96 3.20
C CYS E 80 -8.23 -24.61 4.54
N THR E 81 -8.63 -25.87 4.68
CA THR E 81 -8.28 -26.66 5.86
C THR E 81 -6.94 -27.35 5.64
N CYS E 82 -6.27 -27.72 6.72
CA CYS E 82 -4.92 -28.28 6.63
C CYS E 82 -4.92 -29.79 6.40
N ASP E 83 -6.09 -30.33 6.06
CA ASP E 83 -6.21 -31.75 5.76
C ASP E 83 -5.79 -32.04 4.32
N THR E 84 -5.54 -30.97 3.57
CA THR E 84 -5.15 -31.07 2.16
C THR E 84 -3.94 -30.17 1.90
N PRO E 85 -2.93 -30.72 1.20
CA PRO E 85 -1.71 -29.96 0.92
C PRO E 85 -1.97 -28.67 0.14
N PHE E 86 -1.44 -27.56 0.63
CA PHE E 86 -1.63 -26.28 -0.02
C PHE E 86 -0.36 -25.86 -0.77
N THR E 87 -0.55 -25.32 -1.98
CA THR E 87 0.57 -24.87 -2.79
C THR E 87 0.61 -23.35 -2.84
N PHE E 88 1.65 -22.76 -2.26
CA PHE E 88 1.82 -21.32 -2.30
C PHE E 88 2.18 -20.86 -3.72
N SER E 89 2.17 -19.55 -3.92
CA SER E 89 2.43 -18.97 -5.24
C SER E 89 3.91 -19.04 -5.61
N ASP E 90 4.73 -19.61 -4.72
CA ASP E 90 6.16 -19.73 -4.97
C ASP E 90 6.56 -21.17 -5.26
N GLY E 91 5.56 -22.04 -5.40
CA GLY E 91 5.81 -23.43 -5.75
C GLY E 91 5.92 -24.36 -4.56
N THR E 92 6.09 -23.79 -3.37
CA THR E 92 6.23 -24.58 -2.16
C THR E 92 4.89 -25.19 -1.75
N VAL E 93 4.94 -26.40 -1.21
CA VAL E 93 3.72 -27.09 -0.79
C VAL E 93 3.75 -27.38 0.70
N THR E 94 2.58 -27.52 1.30
CA THR E 94 2.48 -27.81 2.72
C THR E 94 2.40 -29.31 2.99
N LYS E 95 2.58 -29.69 4.24
CA LYS E 95 2.47 -31.09 4.63
C LYS E 95 1.19 -31.28 5.44
N VAL E 96 0.75 -32.53 5.53
CA VAL E 96 -0.50 -32.82 6.24
C VAL E 96 -0.23 -33.64 7.50
N PRO E 97 -0.75 -33.16 8.64
CA PRO E 97 -0.63 -33.87 9.92
C PRO E 97 -1.22 -35.27 9.85
N ILE E 98 -0.43 -36.26 10.25
CA ILE E 98 -0.87 -37.65 10.21
C ILE E 98 -2.00 -37.89 11.20
N ASN E 99 -3.02 -38.62 10.75
CA ASN E 99 -4.17 -38.97 11.58
C ASN E 99 -4.91 -37.74 12.10
N ASN E 100 -5.04 -36.73 11.24
CA ASN E 100 -5.67 -35.47 11.61
C ASN E 100 -7.15 -35.63 11.94
N LYS E 101 -7.81 -36.53 11.23
CA LYS E 101 -9.23 -36.86 11.43
C LYS E 101 -10.13 -35.64 11.17
N ILE E 102 -9.65 -34.71 10.37
CA ILE E 102 -10.41 -33.50 10.04
C ILE E 102 -11.59 -33.83 9.14
N LYS E 103 -11.34 -34.63 8.10
CA LYS E 103 -12.35 -34.97 7.11
C LYS E 103 -13.50 -35.74 7.76
N GLU E 104 -13.17 -36.74 8.57
CA GLU E 104 -14.19 -37.52 9.26
C GLU E 104 -14.87 -36.70 10.35
N GLY E 105 -14.12 -35.77 10.94
CA GLY E 105 -14.63 -34.91 11.98
C GLY E 105 -15.66 -33.90 11.49
N LEU E 106 -15.35 -33.24 10.39
CA LEU E 106 -16.24 -32.23 9.82
C LEU E 106 -17.51 -32.86 9.25
N LYS E 107 -17.39 -34.07 8.71
CA LYS E 107 -18.53 -34.79 8.17
C LYS E 107 -19.52 -35.12 9.28
N ARG E 108 -18.99 -35.47 10.45
CA ARG E 108 -19.83 -35.77 11.61
C ARG E 108 -20.57 -34.53 12.09
N ILE E 109 -19.85 -33.42 12.17
CA ILE E 109 -20.41 -32.14 12.61
C ILE E 109 -21.54 -31.69 11.69
N ASP E 110 -21.36 -31.90 10.39
CA ASP E 110 -22.37 -31.54 9.40
C ASP E 110 -23.65 -32.36 9.61
N GLN E 111 -23.48 -33.63 9.94
CA GLN E 111 -24.62 -34.52 10.15
C GLN E 111 -25.38 -34.18 11.43
N ILE E 112 -24.64 -33.77 12.46
CA ILE E 112 -25.25 -33.40 13.74
C ILE E 112 -26.07 -32.13 13.61
N LEU E 113 -25.51 -31.14 12.92
CA LEU E 113 -26.19 -29.86 12.73
C LEU E 113 -27.39 -30.00 11.81
N ALA E 114 -27.41 -31.08 11.04
CA ALA E 114 -28.51 -31.36 10.12
C ALA E 114 -29.67 -32.10 10.80
N GLU E 115 -29.32 -33.09 11.63
CA GLU E 115 -30.33 -33.90 12.31
C GLU E 115 -31.08 -33.12 13.38
N LYS E 116 -30.38 -32.21 14.06
CA LYS E 116 -31.01 -31.43 15.12
C LYS E 116 -31.47 -30.07 14.61
N ASN E 117 -31.50 -29.91 13.28
CA ASN E 117 -31.99 -28.70 12.63
C ASN E 117 -31.28 -27.43 13.10
N ASN E 118 -29.94 -27.47 13.07
CA ASN E 118 -29.11 -26.33 13.47
C ASN E 118 -29.39 -25.88 14.89
N PHE E 119 -29.81 -26.83 15.73
CA PHE E 119 -30.14 -26.57 17.13
C PHE E 119 -31.24 -25.52 17.30
N GLN E 120 -32.09 -25.40 16.28
CA GLN E 120 -33.21 -24.49 16.36
C GLN E 120 -34.41 -25.27 16.91
N GLY E 121 -35.32 -24.56 17.58
CA GLY E 121 -36.47 -25.20 18.17
C GLY E 121 -36.09 -26.09 19.32
N LEU E 122 -35.11 -25.66 20.11
CA LEU E 122 -34.64 -26.44 21.25
C LEU E 122 -34.77 -25.66 22.55
N SER E 123 -34.80 -26.37 23.67
CA SER E 123 -34.81 -25.74 24.98
C SER E 123 -33.42 -25.25 25.36
N ARG E 124 -33.35 -24.38 26.36
CA ARG E 124 -32.08 -23.80 26.79
C ARG E 124 -31.17 -24.85 27.42
N LYS E 125 -31.76 -25.74 28.21
CA LYS E 125 -31.00 -26.83 28.84
C LYS E 125 -30.43 -27.79 27.79
N GLU E 126 -31.24 -28.13 26.80
CA GLU E 126 -30.83 -29.02 25.73
C GLU E 126 -29.79 -28.37 24.81
N PHE E 127 -29.95 -27.07 24.58
CA PHE E 127 -29.05 -26.33 23.70
C PHE E 127 -27.61 -26.33 24.23
N ILE E 128 -27.47 -26.14 25.54
CA ILE E 128 -26.15 -26.11 26.17
C ILE E 128 -25.45 -27.47 26.05
N HIS E 129 -26.19 -28.53 26.33
CA HIS E 129 -25.65 -29.89 26.30
C HIS E 129 -25.33 -30.36 24.89
N GLU E 130 -26.03 -29.79 23.91
CA GLU E 130 -25.84 -30.18 22.51
C GLU E 130 -24.70 -29.44 21.83
N VAL E 131 -24.59 -28.14 22.13
CA VAL E 131 -23.54 -27.31 21.53
C VAL E 131 -22.18 -27.67 22.09
N SER E 132 -22.14 -27.96 23.40
CA SER E 132 -20.89 -28.29 24.08
C SER E 132 -20.23 -29.52 23.45
N THR E 133 -21.04 -30.50 23.06
CA THR E 133 -20.53 -31.72 22.43
C THR E 133 -19.89 -31.40 21.08
N VAL E 134 -20.59 -30.61 20.27
CA VAL E 134 -20.10 -30.25 18.94
C VAL E 134 -18.88 -29.33 19.02
N PHE E 135 -18.87 -28.44 20.02
CA PHE E 135 -17.77 -27.51 20.21
C PHE E 135 -16.45 -28.23 20.52
N ILE E 136 -16.53 -29.22 21.40
CA ILE E 136 -15.36 -30.01 21.78
C ILE E 136 -14.81 -30.78 20.60
N LEU E 137 -15.72 -31.38 19.82
CA LEU E 137 -15.33 -32.14 18.64
C LEU E 137 -14.62 -31.25 17.63
N LEU E 138 -15.10 -30.01 17.50
CA LEU E 138 -14.50 -29.06 16.57
C LEU E 138 -13.18 -28.51 17.11
N ASN E 139 -12.93 -28.75 18.39
CA ASN E 139 -11.67 -28.33 19.00
C ASN E 139 -10.66 -29.47 19.09
N LYS E 140 -11.14 -30.70 19.23
CA LYS E 140 -10.27 -31.87 19.25
C LYS E 140 -9.56 -31.99 17.92
N ILE E 141 -10.30 -31.78 16.84
CA ILE E 141 -9.70 -31.71 15.51
C ILE E 141 -9.48 -30.25 15.13
N ARG E 142 -8.30 -29.98 14.56
CA ARG E 142 -7.93 -28.64 14.13
C ARG E 142 -7.97 -28.49 12.61
N PRO E 143 -9.12 -28.02 12.07
CA PRO E 143 -9.29 -27.90 10.62
C PRO E 143 -8.30 -26.93 9.97
N PHE E 144 -8.13 -25.75 10.56
CA PHE E 144 -7.24 -24.74 10.02
C PHE E 144 -5.90 -24.71 10.76
N MET E 145 -4.84 -24.37 10.04
CA MET E 145 -3.51 -24.31 10.63
C MET E 145 -3.38 -23.14 11.60
N VAL E 146 -3.92 -21.98 11.21
CA VAL E 146 -3.91 -20.79 12.05
C VAL E 146 -5.27 -20.09 12.01
N GLY E 147 -5.76 -19.68 13.17
CA GLY E 147 -6.98 -18.89 13.24
C GLY E 147 -8.22 -19.66 13.61
N ASN E 148 -8.05 -20.77 14.31
CA ASN E 148 -9.17 -21.60 14.75
C ASN E 148 -10.04 -20.88 15.78
N LYS E 149 -9.39 -20.24 16.75
CA LYS E 149 -10.07 -19.60 17.86
C LYS E 149 -11.09 -18.55 17.41
N TYR E 150 -10.71 -17.71 16.46
CA TYR E 150 -11.57 -16.63 16.00
C TYR E 150 -12.76 -17.11 15.18
N VAL E 151 -12.53 -18.06 14.29
CA VAL E 151 -13.59 -18.54 13.40
C VAL E 151 -14.62 -19.41 14.13
N GLN E 152 -14.19 -20.11 15.16
CA GLN E 152 -15.10 -20.94 15.95
C GLN E 152 -16.03 -20.09 16.80
N ARG E 153 -15.49 -18.98 17.32
CA ARG E 153 -16.27 -18.06 18.14
C ARG E 153 -17.38 -17.41 17.32
N ILE E 154 -17.01 -16.86 16.17
CA ILE E 154 -17.97 -16.23 15.26
C ILE E 154 -19.01 -17.23 14.77
N PHE E 155 -18.56 -18.47 14.55
CA PHE E 155 -19.43 -19.53 14.05
C PHE E 155 -20.62 -19.78 14.97
N PHE E 156 -20.34 -19.98 16.26
CA PHE E 156 -21.39 -20.29 17.23
C PHE E 156 -22.17 -19.05 17.65
N GLU E 157 -21.57 -17.88 17.49
CA GLU E 157 -22.26 -16.62 17.78
C GLU E 157 -23.41 -16.40 16.81
N GLN E 158 -23.19 -16.75 15.54
CA GLN E 158 -24.23 -16.61 14.52
C GLN E 158 -25.26 -17.72 14.65
N ILE E 159 -24.82 -18.90 15.04
CA ILE E 159 -25.72 -20.02 15.30
C ILE E 159 -26.70 -19.68 16.41
N ALA E 160 -26.19 -19.08 17.48
CA ALA E 160 -27.00 -18.70 18.63
C ALA E 160 -28.04 -17.65 18.25
N GLU E 161 -27.59 -16.59 17.58
CA GLU E 161 -28.47 -15.50 17.18
C GLU E 161 -29.62 -16.00 16.31
N ALA E 162 -29.34 -17.01 15.49
CA ALA E 162 -30.36 -17.61 14.65
C ALA E 162 -31.24 -18.57 15.45
N ALA E 163 -30.73 -19.00 16.60
CA ALA E 163 -31.45 -19.96 17.44
C ALA E 163 -32.25 -19.29 18.56
N GLY E 164 -32.24 -17.96 18.59
CA GLY E 164 -33.00 -17.22 19.58
C GLY E 164 -32.26 -17.00 20.88
N HIS E 165 -31.07 -17.58 20.99
CA HIS E 165 -30.24 -17.41 22.18
C HIS E 165 -29.07 -16.47 21.90
N LYS E 166 -28.40 -16.02 22.95
CA LYS E 166 -27.27 -15.11 22.79
C LYS E 166 -26.07 -15.58 23.59
N LEU E 167 -24.91 -15.58 22.95
CA LEU E 167 -23.66 -15.97 23.61
C LEU E 167 -22.71 -14.78 23.71
N ASP E 168 -22.20 -14.55 24.92
CA ASP E 168 -21.26 -13.46 25.15
C ASP E 168 -19.90 -14.02 25.54
N PHE E 169 -19.02 -14.19 24.56
CA PHE E 169 -17.70 -14.78 24.77
C PHE E 169 -16.73 -13.80 25.42
N SER E 170 -17.17 -12.55 25.61
CA SER E 170 -16.31 -11.50 26.16
C SER E 170 -16.00 -11.73 27.64
N VAL E 171 -16.83 -12.51 28.31
CA VAL E 171 -16.67 -12.74 29.74
C VAL E 171 -16.01 -14.07 30.05
N VAL E 172 -15.35 -14.65 29.05
CA VAL E 172 -14.62 -15.90 29.24
C VAL E 172 -13.11 -15.67 29.22
N THR E 173 -12.44 -16.08 30.29
CA THR E 173 -10.99 -15.96 30.37
C THR E 173 -10.31 -17.04 29.53
N GLU E 174 -9.06 -16.81 29.16
CA GLU E 174 -8.30 -17.77 28.36
C GLU E 174 -8.01 -19.04 29.15
N LYS E 175 -7.88 -18.91 30.46
CA LYS E 175 -7.54 -20.04 31.33
C LYS E 175 -8.74 -20.96 31.55
N ARG E 176 -9.94 -20.40 31.66
CA ARG E 176 -11.14 -21.18 31.89
C ARG E 176 -11.47 -22.06 30.69
N MET E 177 -11.34 -21.49 29.49
CA MET E 177 -11.59 -22.22 28.25
C MET E 177 -10.59 -23.36 28.09
N GLN E 178 -9.34 -23.10 28.47
CA GLN E 178 -8.28 -24.10 28.38
C GLN E 178 -8.56 -25.31 29.26
N PHE E 179 -9.09 -25.05 30.45
CA PHE E 179 -9.41 -26.14 31.38
C PHE E 179 -10.62 -26.94 30.88
N ALA E 180 -11.59 -26.24 30.32
CA ALA E 180 -12.79 -26.87 29.78
C ALA E 180 -12.45 -27.80 28.62
N ILE E 181 -11.52 -27.37 27.78
CA ILE E 181 -11.05 -28.18 26.66
C ILE E 181 -10.23 -29.37 27.13
N HIS E 182 -9.33 -29.11 28.09
CA HIS E 182 -8.46 -30.13 28.66
C HIS E 182 -9.24 -31.25 29.34
N ALA E 183 -10.44 -30.93 29.80
CA ALA E 183 -11.30 -31.85 30.54
C ALA E 183 -11.65 -33.09 29.70
N ALA E 184 -11.96 -32.87 28.43
CA ALA E 184 -12.34 -33.94 27.52
C ALA E 184 -11.17 -34.33 26.62
N LEU E 185 -10.25 -35.12 27.17
CA LEU E 185 -9.11 -35.63 26.42
C LEU E 185 -8.64 -36.96 27.00
N SER E 186 -9.33 -37.44 28.03
CA SER E 186 -8.97 -38.69 28.68
C SER E 186 -10.20 -39.60 28.82
N ARG E 193 -13.61 -41.10 28.19
CA ARG E 193 -14.12 -40.56 29.45
C ARG E 193 -13.77 -39.09 29.60
N GLY E 194 -14.55 -38.23 28.95
CA GLY E 194 -14.33 -36.79 29.00
C GLY E 194 -15.36 -36.08 29.85
N ASN E 195 -14.92 -35.05 30.57
CA ASN E 195 -15.81 -34.28 31.42
C ASN E 195 -16.35 -33.05 30.71
N ILE E 196 -17.60 -33.13 30.27
CA ILE E 196 -18.23 -32.02 29.56
C ILE E 196 -18.88 -31.05 30.54
N THR E 197 -18.90 -31.43 31.81
CA THR E 197 -19.51 -30.61 32.85
C THR E 197 -18.95 -29.19 32.97
N PRO E 198 -17.60 -29.03 32.92
CA PRO E 198 -17.14 -27.64 32.95
C PRO E 198 -17.54 -26.83 31.72
N MET E 199 -17.57 -27.49 30.56
CA MET E 199 -17.95 -26.81 29.33
C MET E 199 -19.45 -26.48 29.34
N LEU E 200 -20.25 -27.40 29.85
CA LEU E 200 -21.69 -27.19 29.97
C LEU E 200 -21.97 -26.00 30.89
N HIS E 201 -21.23 -25.94 31.99
CA HIS E 201 -21.33 -24.82 32.93
C HIS E 201 -20.92 -23.53 32.24
N LEU E 202 -19.93 -23.63 31.35
CA LEU E 202 -19.41 -22.48 30.61
C LEU E 202 -20.49 -21.87 29.72
N PHE E 203 -21.07 -22.67 28.82
CA PHE E 203 -22.07 -22.17 27.88
C PHE E 203 -23.33 -21.69 28.59
N GLU E 204 -23.63 -22.26 29.75
CA GLU E 204 -24.83 -21.89 30.49
C GLU E 204 -24.66 -20.48 31.05
N ASP E 205 -23.45 -20.17 31.51
CA ASP E 205 -23.13 -18.85 32.02
C ASP E 205 -23.13 -17.82 30.89
N ILE E 206 -22.61 -18.21 29.74
CA ILE E 206 -22.50 -17.31 28.59
C ILE E 206 -23.88 -17.02 28.03
N SER E 207 -24.76 -18.02 28.04
CA SER E 207 -26.10 -17.89 27.51
C SER E 207 -27.06 -17.34 28.56
N ASN E 208 -26.52 -16.94 29.71
CA ASN E 208 -27.33 -16.37 30.77
C ASN E 208 -27.04 -14.88 30.92
N PRO E 209 -27.93 -14.04 30.39
CA PRO E 209 -27.78 -12.57 30.40
C PRO E 209 -27.58 -12.02 31.81
N GLU E 210 -28.31 -12.57 32.78
CA GLU E 210 -28.18 -12.13 34.16
C GLU E 210 -26.81 -12.49 34.73
N LYS E 211 -26.35 -13.70 34.44
CA LYS E 211 -25.05 -14.14 34.91
C LYS E 211 -23.91 -13.46 34.15
N VAL E 212 -24.12 -13.23 32.85
CA VAL E 212 -23.14 -12.55 32.02
C VAL E 212 -22.96 -11.09 32.46
N GLY E 213 -24.06 -10.45 32.83
CA GLY E 213 -24.03 -9.07 33.30
C GLY E 213 -23.26 -8.93 34.60
N ILE E 214 -23.43 -9.91 35.49
CA ILE E 214 -22.75 -9.91 36.77
C ILE E 214 -21.25 -10.10 36.61
N LEU E 215 -20.86 -10.98 35.69
CA LEU E 215 -19.44 -11.23 35.42
C LEU E 215 -18.72 -10.00 34.90
N LYS E 216 -19.42 -9.18 34.12
CA LYS E 216 -18.84 -7.96 33.58
C LYS E 216 -18.64 -6.91 34.67
N GLU E 217 -19.43 -7.02 35.74
CA GLU E 217 -19.36 -6.07 36.84
C GLU E 217 -18.26 -6.44 37.83
N PHE E 218 -17.63 -7.59 37.61
CA PHE E 218 -16.56 -8.06 38.48
C PHE E 218 -15.27 -8.31 37.71
N TYR F 27 -16.79 -31.38 47.41
CA TYR F 27 -17.11 -32.11 46.19
C TYR F 27 -16.25 -33.37 46.05
N GLY F 28 -15.06 -33.32 46.64
CA GLY F 28 -14.14 -34.44 46.55
C GLY F 28 -13.16 -34.27 45.41
N MET F 29 -13.17 -33.09 44.80
CA MET F 29 -12.28 -32.79 43.69
C MET F 29 -10.98 -32.16 44.18
N GLN F 30 -9.98 -32.11 43.31
CA GLN F 30 -8.69 -31.54 43.66
C GLN F 30 -7.98 -30.95 42.44
N GLY F 31 -7.25 -29.87 42.65
CA GLY F 31 -6.51 -29.22 41.59
C GLY F 31 -7.32 -28.17 40.86
N LYS F 32 -7.18 -28.14 39.53
CA LYS F 32 -7.88 -27.17 38.70
C LYS F 32 -9.37 -27.48 38.63
N ALA F 33 -9.73 -28.74 38.89
CA ALA F 33 -11.12 -29.15 38.85
C ALA F 33 -11.91 -28.59 40.03
N LEU F 34 -11.25 -28.52 41.18
CA LEU F 34 -11.89 -28.01 42.40
C LEU F 34 -12.08 -26.50 42.32
N GLN F 35 -11.23 -25.84 41.55
CA GLN F 35 -11.31 -24.39 41.40
C GLN F 35 -12.43 -23.99 40.45
N GLU F 36 -12.66 -24.80 39.42
CA GLU F 36 -13.69 -24.53 38.43
C GLU F 36 -15.08 -24.87 39.00
N ARG F 37 -15.15 -25.95 39.78
CA ARG F 37 -16.39 -26.38 40.38
C ARG F 37 -16.87 -25.38 41.42
N CYS F 38 -15.91 -24.81 42.16
CA CYS F 38 -16.22 -23.82 43.19
C CYS F 38 -16.64 -22.50 42.58
N ALA F 39 -16.03 -22.16 41.45
CA ALA F 39 -16.30 -20.88 40.79
C ALA F 39 -17.72 -20.80 40.26
N TYR F 40 -18.23 -21.92 39.74
CA TYR F 40 -19.57 -21.97 39.18
C TYR F 40 -20.62 -21.78 40.27
N ASP F 41 -20.52 -22.56 41.33
CA ASP F 41 -21.48 -22.49 42.43
C ASP F 41 -21.41 -21.14 43.15
N LEU F 42 -20.23 -20.53 43.14
CA LEU F 42 -20.07 -19.19 43.71
C LEU F 42 -20.78 -18.16 42.85
N LEU F 43 -20.87 -18.45 41.56
CA LEU F 43 -21.58 -17.59 40.62
C LEU F 43 -23.07 -17.85 40.67
N GLN F 44 -23.44 -19.12 40.81
CA GLN F 44 -24.84 -19.51 40.92
C GLN F 44 -25.46 -18.98 42.20
N ALA F 45 -24.68 -18.97 43.27
CA ALA F 45 -25.15 -18.45 44.55
C ALA F 45 -25.28 -16.93 44.49
N MET F 46 -24.46 -16.30 43.66
CA MET F 46 -24.51 -14.85 43.48
C MET F 46 -25.73 -14.45 42.67
N LEU F 47 -26.17 -15.35 41.79
CA LEU F 47 -27.35 -15.11 40.96
C LEU F 47 -28.62 -15.24 41.78
N ASN F 48 -28.63 -16.20 42.71
CA ASN F 48 -29.78 -16.43 43.56
C ASN F 48 -29.82 -15.47 44.75
N LEU F 49 -28.73 -14.75 44.95
CA LEU F 49 -28.64 -13.78 46.04
C LEU F 49 -29.29 -12.46 45.67
N ARG F 50 -29.20 -12.11 44.38
CA ARG F 50 -29.78 -10.86 43.89
C ARG F 50 -31.29 -10.97 43.75
N LYS F 51 -31.80 -12.20 43.83
CA LYS F 51 -33.23 -12.45 43.70
C LYS F 51 -33.98 -12.04 44.96
N GLU F 52 -33.51 -12.51 46.11
CA GLU F 52 -34.15 -12.21 47.39
C GLU F 52 -33.72 -10.84 47.89
N GLU F 56 -33.12 -6.20 55.70
CA GLU F 56 -33.62 -5.06 56.45
C GLU F 56 -32.58 -4.52 57.43
N LYS F 57 -32.00 -5.43 58.22
CA LYS F 57 -30.98 -5.06 59.19
C LYS F 57 -29.69 -5.86 58.98
N PHE F 58 -28.56 -5.16 58.98
CA PHE F 58 -27.27 -5.80 58.78
C PHE F 58 -26.57 -6.04 60.11
N ASP F 59 -26.55 -7.30 60.55
CA ASP F 59 -25.91 -7.67 61.80
C ASP F 59 -24.71 -8.58 61.58
N SER F 60 -24.18 -9.13 62.66
CA SER F 60 -23.03 -10.03 62.58
C SER F 60 -23.43 -11.39 62.03
N SER F 61 -24.68 -11.77 62.24
CA SER F 61 -25.20 -13.05 61.77
C SER F 61 -25.57 -12.98 60.29
N TYR F 62 -25.72 -11.76 59.78
CA TYR F 62 -26.08 -11.54 58.39
C TYR F 62 -24.91 -11.89 57.47
N LEU F 63 -23.70 -11.69 57.96
CA LEU F 63 -22.50 -12.00 57.20
C LEU F 63 -22.32 -13.51 57.06
N LYS F 64 -22.70 -14.25 58.11
CA LYS F 64 -22.63 -15.69 58.08
C LYS F 64 -23.68 -16.27 57.14
N TYR F 65 -24.77 -15.53 56.95
CA TYR F 65 -25.82 -15.94 56.03
C TYR F 65 -25.37 -15.76 54.58
N LEU F 66 -24.40 -14.87 54.38
CA LEU F 66 -23.85 -14.62 53.05
C LEU F 66 -22.63 -15.49 52.80
N HIS F 67 -21.83 -15.69 53.84
CA HIS F 67 -20.60 -16.47 53.72
C HIS F 67 -20.89 -17.95 53.53
N GLN F 68 -21.94 -18.44 54.18
CA GLN F 68 -22.31 -19.84 54.09
C GLN F 68 -22.99 -20.15 52.76
N ARG F 69 -23.99 -19.36 52.41
CA ARG F 69 -24.79 -19.59 51.19
C ARG F 69 -23.97 -19.50 49.91
N LEU F 70 -22.75 -18.96 50.01
CA LEU F 70 -21.89 -18.81 48.85
C LEU F 70 -20.99 -20.04 48.67
N TYR F 71 -20.65 -20.70 49.77
CA TYR F 71 -19.75 -21.83 49.73
C TYR F 71 -20.27 -23.04 50.51
N GLU F 72 -21.59 -23.15 50.59
CA GLU F 72 -22.22 -24.28 51.28
C GLU F 72 -22.13 -25.55 50.44
N LYS F 73 -22.04 -25.37 49.12
CA LYS F 73 -21.98 -26.51 48.21
C LYS F 73 -20.55 -27.00 48.05
N ASP F 83 -13.00 -17.91 65.25
CA ASP F 83 -12.64 -18.14 66.64
C ASP F 83 -13.16 -19.48 67.13
N THR F 84 -13.91 -20.17 66.28
CA THR F 84 -14.47 -21.49 66.62
C THR F 84 -13.82 -22.58 65.79
N PRO F 85 -13.19 -23.56 66.46
CA PRO F 85 -12.54 -24.69 65.80
C PRO F 85 -13.51 -25.52 64.97
N PHE F 86 -13.03 -26.06 63.84
CA PHE F 86 -13.88 -26.85 62.96
C PHE F 86 -13.14 -28.08 62.45
N THR F 87 -13.63 -29.26 62.81
CA THR F 87 -13.04 -30.51 62.35
C THR F 87 -13.97 -31.24 61.40
N PHE F 88 -13.40 -32.02 60.49
CA PHE F 88 -14.17 -32.75 59.49
C PHE F 88 -15.00 -33.85 60.13
N SER F 89 -16.22 -34.06 59.62
CA SER F 89 -17.11 -35.07 60.14
C SER F 89 -16.68 -36.46 59.69
N VAL F 96 -7.25 -22.30 64.53
CA VAL F 96 -7.61 -21.38 65.60
C VAL F 96 -6.45 -20.44 65.93
N PRO F 97 -6.40 -19.29 65.25
CA PRO F 97 -5.34 -18.29 65.47
C PRO F 97 -5.43 -17.64 66.85
N ILE F 98 -4.28 -17.36 67.46
CA ILE F 98 -4.24 -16.75 68.78
C ILE F 98 -4.79 -15.33 68.74
N ASN F 99 -5.67 -15.03 69.70
CA ASN F 99 -6.32 -13.72 69.80
C ASN F 99 -7.03 -13.33 68.51
N ASN F 100 -8.04 -14.09 68.13
CA ASN F 100 -8.79 -13.85 66.91
C ASN F 100 -9.63 -12.58 66.99
N LYS F 101 -10.06 -12.25 68.21
CA LYS F 101 -10.87 -11.06 68.46
C LYS F 101 -12.14 -11.03 67.62
N GLU F 104 -15.27 -10.73 69.43
CA GLU F 104 -15.47 -9.40 70.01
C GLU F 104 -15.65 -8.34 68.92
N GLY F 105 -14.94 -8.52 67.81
CA GLY F 105 -15.02 -7.58 66.70
C GLY F 105 -16.37 -7.61 66.01
N LEU F 106 -16.90 -8.81 65.81
CA LEU F 106 -18.21 -8.96 65.18
C LEU F 106 -19.32 -8.44 66.07
N LYS F 107 -19.13 -8.57 67.38
CA LYS F 107 -20.11 -8.08 68.35
C LYS F 107 -20.09 -6.55 68.40
N ARG F 108 -18.92 -5.98 68.13
CA ARG F 108 -18.77 -4.52 68.12
C ARG F 108 -19.39 -3.92 66.87
N ILE F 109 -19.18 -4.59 65.73
CA ILE F 109 -19.70 -4.11 64.45
C ILE F 109 -21.22 -4.16 64.40
N ASP F 110 -21.79 -5.20 65.01
CA ASP F 110 -23.24 -5.36 65.03
C ASP F 110 -23.92 -4.27 65.87
N GLN F 111 -23.19 -3.76 66.86
CA GLN F 111 -23.71 -2.72 67.74
C GLN F 111 -23.68 -1.36 67.04
N ILE F 112 -22.63 -1.12 66.26
CA ILE F 112 -22.48 0.13 65.52
C ILE F 112 -23.53 0.22 64.41
N LEU F 113 -23.82 -0.92 63.78
CA LEU F 113 -24.80 -0.97 62.69
C LEU F 113 -26.19 -0.62 63.17
N ALA F 114 -26.49 -0.94 64.42
CA ALA F 114 -27.81 -0.63 65.00
C ALA F 114 -27.81 0.75 65.64
N GLU F 115 -26.63 1.33 65.80
CA GLU F 115 -26.49 2.64 66.43
C GLU F 115 -26.68 3.78 65.43
N LYS F 116 -26.41 3.49 64.15
CA LYS F 116 -26.52 4.50 63.11
C LYS F 116 -27.56 4.12 62.06
N ASN F 117 -28.49 3.25 62.43
CA ASN F 117 -29.56 2.79 61.54
C ASN F 117 -29.01 2.21 60.24
N ASN F 118 -28.04 1.29 60.38
CA ASN F 118 -27.37 0.66 59.24
C ASN F 118 -26.77 1.69 58.29
N PHE F 119 -26.22 2.76 58.86
CA PHE F 119 -25.55 3.83 58.09
C PHE F 119 -26.45 4.42 57.02
N GLN F 120 -27.74 4.56 57.33
CA GLN F 120 -28.70 5.14 56.39
C GLN F 120 -28.65 6.66 56.43
N ARG F 124 -23.79 11.94 51.75
CA ARG F 124 -22.87 11.06 51.05
C ARG F 124 -21.52 11.00 51.74
N LYS F 125 -21.06 12.15 52.23
CA LYS F 125 -19.78 12.24 52.92
C LYS F 125 -19.81 11.49 54.24
N GLU F 126 -20.98 11.49 54.88
CA GLU F 126 -21.15 10.78 56.16
C GLU F 126 -21.24 9.28 55.93
N PHE F 127 -21.81 8.90 54.79
CA PHE F 127 -21.96 7.48 54.43
C PHE F 127 -20.61 6.86 54.08
N ILE F 128 -19.71 7.68 53.55
CA ILE F 128 -18.38 7.21 53.16
C ILE F 128 -17.47 7.08 54.36
N HIS F 129 -17.59 8.02 55.30
CA HIS F 129 -16.76 8.01 56.51
C HIS F 129 -17.13 6.86 57.43
N GLU F 130 -18.39 6.45 57.38
CA GLU F 130 -18.89 5.36 58.22
C GLU F 130 -18.60 4.00 57.59
N VAL F 131 -18.72 3.92 56.27
CA VAL F 131 -18.50 2.66 55.56
C VAL F 131 -17.02 2.28 55.58
N SER F 132 -16.14 3.28 55.58
CA SER F 132 -14.71 3.04 55.62
C SER F 132 -14.28 2.43 56.96
N THR F 133 -14.71 3.07 58.05
CA THR F 133 -14.34 2.62 59.39
C THR F 133 -14.80 1.20 59.65
N VAL F 134 -15.98 0.85 59.13
CA VAL F 134 -16.51 -0.49 59.30
C VAL F 134 -15.80 -1.50 58.41
N PHE F 135 -15.45 -1.08 57.20
CA PHE F 135 -14.76 -1.95 56.25
C PHE F 135 -13.36 -2.31 56.74
N ILE F 136 -12.66 -1.32 57.29
CA ILE F 136 -11.33 -1.52 57.84
C ILE F 136 -11.39 -2.46 59.04
N LEU F 137 -12.39 -2.25 59.90
CA LEU F 137 -12.57 -3.09 61.08
C LEU F 137 -12.97 -4.51 60.69
N LEU F 138 -13.71 -4.63 59.59
CA LEU F 138 -14.13 -5.93 59.09
C LEU F 138 -12.99 -6.61 58.32
N ASN F 139 -11.99 -5.83 57.95
CA ASN F 139 -10.82 -6.35 57.25
C ASN F 139 -9.66 -6.61 58.21
N LYS F 140 -9.65 -5.88 59.32
CA LYS F 140 -8.63 -6.06 60.34
C LYS F 140 -8.77 -7.43 60.99
N ILE F 141 -10.01 -7.80 61.28
CA ILE F 141 -10.32 -9.12 61.81
C ILE F 141 -10.91 -9.98 60.70
N ARG F 142 -10.39 -11.20 60.56
CA ARG F 142 -10.85 -12.11 59.51
C ARG F 142 -11.77 -13.19 60.09
N PRO F 143 -13.09 -13.05 59.87
CA PRO F 143 -14.08 -14.00 60.37
C PRO F 143 -13.93 -15.38 59.73
N PHE F 144 -13.99 -15.43 58.41
CA PHE F 144 -13.88 -16.70 57.68
C PHE F 144 -12.45 -16.93 57.19
N MET F 145 -12.08 -18.19 57.07
CA MET F 145 -10.74 -18.55 56.60
C MET F 145 -10.60 -18.33 55.10
N VAL F 146 -11.72 -18.32 54.39
CA VAL F 146 -11.73 -18.11 52.94
C VAL F 146 -13.06 -17.53 52.48
N GLY F 147 -12.99 -16.52 51.61
CA GLY F 147 -14.18 -15.88 51.09
C GLY F 147 -14.55 -14.62 51.84
N ASN F 148 -13.53 -13.96 52.40
CA ASN F 148 -13.75 -12.73 53.16
C ASN F 148 -13.81 -11.51 52.26
N LYS F 149 -13.40 -11.67 51.01
CA LYS F 149 -13.39 -10.56 50.06
C LYS F 149 -14.69 -10.47 49.28
N TYR F 150 -15.25 -11.63 48.93
CA TYR F 150 -16.49 -11.70 48.17
C TYR F 150 -17.70 -11.36 49.03
N VAL F 151 -17.70 -11.86 50.26
CA VAL F 151 -18.83 -11.64 51.17
C VAL F 151 -18.88 -10.19 51.65
N GLN F 152 -17.71 -9.58 51.79
CA GLN F 152 -17.63 -8.19 52.26
C GLN F 152 -18.08 -7.22 51.17
N ARG F 153 -17.86 -7.58 49.91
CA ARG F 153 -18.23 -6.74 48.80
C ARG F 153 -19.75 -6.67 48.64
N ILE F 154 -20.40 -7.83 48.71
CA ILE F 154 -21.85 -7.89 48.58
C ILE F 154 -22.55 -7.28 49.79
N PHE F 155 -21.91 -7.38 50.95
CA PHE F 155 -22.48 -6.82 52.18
C PHE F 155 -22.44 -5.30 52.16
N PHE F 156 -21.33 -4.75 51.67
CA PHE F 156 -21.18 -3.29 51.59
C PHE F 156 -22.01 -2.71 50.46
N GLU F 157 -22.22 -3.51 49.42
CA GLU F 157 -23.02 -3.08 48.27
C GLU F 157 -24.51 -3.04 48.63
N GLN F 158 -24.96 -4.02 49.39
CA GLN F 158 -26.35 -4.09 49.82
C GLN F 158 -26.64 -3.03 50.87
N ILE F 159 -25.64 -2.73 51.71
CA ILE F 159 -25.79 -1.71 52.73
C ILE F 159 -25.73 -0.31 52.12
N ALA F 160 -25.25 -0.23 50.88
CA ALA F 160 -25.16 1.02 50.17
C ALA F 160 -26.47 1.35 49.45
N GLU F 161 -27.04 0.34 48.81
CA GLU F 161 -28.28 0.52 48.05
C GLU F 161 -29.43 0.93 48.97
N ALA F 162 -29.43 0.41 50.19
CA ALA F 162 -30.47 0.75 51.16
C ALA F 162 -30.23 2.13 51.75
N ALA F 163 -29.00 2.63 51.60
CA ALA F 163 -28.63 3.94 52.11
C ALA F 163 -28.96 5.04 51.10
N GLY F 164 -29.21 4.64 49.86
CA GLY F 164 -29.55 5.57 48.81
C GLY F 164 -28.39 5.93 47.91
N HIS F 165 -27.17 5.63 48.37
CA HIS F 165 -25.97 5.92 47.60
C HIS F 165 -25.34 4.64 47.04
N LYS F 166 -25.12 4.62 45.73
CA LYS F 166 -24.55 3.44 45.08
C LYS F 166 -23.03 3.39 45.21
N LEU F 167 -22.48 2.18 45.14
CA LEU F 167 -21.04 1.99 45.23
C LEU F 167 -20.55 1.02 44.14
N ASP F 168 -19.42 1.36 43.53
CA ASP F 168 -18.87 0.54 42.45
C ASP F 168 -17.45 0.08 42.79
N PHE F 169 -17.33 -1.18 43.20
CA PHE F 169 -16.03 -1.73 43.60
C PHE F 169 -15.32 -2.40 42.43
N SER F 170 -15.86 -2.23 41.23
CA SER F 170 -15.28 -2.84 40.03
C SER F 170 -14.09 -2.03 39.53
N VAL F 171 -14.11 -0.72 39.76
CA VAL F 171 -13.05 0.16 39.31
C VAL F 171 -11.85 0.15 40.26
N VAL F 172 -12.02 -0.54 41.39
CA VAL F 172 -10.96 -0.65 42.38
C VAL F 172 -10.06 -1.86 42.08
N THR F 173 -8.83 -1.59 41.70
CA THR F 173 -7.87 -2.65 41.39
C THR F 173 -7.46 -3.40 42.64
N GLU F 174 -6.86 -4.57 42.46
CA GLU F 174 -6.41 -5.39 43.58
C GLU F 174 -5.15 -4.82 44.21
N LYS F 175 -4.55 -3.83 43.55
CA LYS F 175 -3.33 -3.20 44.05
C LYS F 175 -3.64 -1.98 44.90
N ARG F 176 -4.75 -1.30 44.58
CA ARG F 176 -5.16 -0.12 45.32
C ARG F 176 -5.86 -0.50 46.63
N MET F 177 -6.69 -1.55 46.57
CA MET F 177 -7.40 -2.03 47.74
C MET F 177 -6.43 -2.63 48.76
N GLN F 178 -5.32 -3.18 48.26
CA GLN F 178 -4.29 -3.74 49.12
C GLN F 178 -3.49 -2.62 49.79
N PHE F 179 -3.37 -1.49 49.10
CA PHE F 179 -2.67 -0.33 49.62
C PHE F 179 -3.54 0.45 50.59
N ALA F 180 -4.85 0.45 50.33
CA ALA F 180 -5.80 1.16 51.17
C ALA F 180 -6.00 0.44 52.51
N ILE F 181 -5.87 -0.88 52.49
CA ILE F 181 -6.05 -1.69 53.68
C ILE F 181 -4.77 -1.73 54.52
N HIS F 182 -3.63 -1.70 53.85
CA HIS F 182 -2.34 -1.75 54.53
C HIS F 182 -2.06 -0.48 55.32
N ALA F 183 -2.46 0.66 54.74
CA ALA F 183 -2.23 1.96 55.38
C ALA F 183 -3.07 2.13 56.63
N ALA F 184 -4.31 1.64 56.58
CA ALA F 184 -5.23 1.77 57.70
C ALA F 184 -4.90 0.78 58.82
N LEU F 185 -4.28 -0.34 58.45
CA LEU F 185 -3.92 -1.37 59.41
C LEU F 185 -2.50 -1.16 59.92
N GLY F 194 -3.17 4.53 62.14
CA GLY F 194 -3.88 4.04 60.98
C GLY F 194 -4.18 5.15 59.98
N ASN F 195 -3.97 4.86 58.70
CA ASN F 195 -4.20 5.83 57.65
C ASN F 195 -5.45 5.51 56.84
N ILE F 196 -6.51 6.27 57.09
CA ILE F 196 -7.79 6.04 56.43
C ILE F 196 -7.96 6.90 55.19
N THR F 197 -6.90 7.62 54.82
CA THR F 197 -6.94 8.50 53.65
C THR F 197 -7.05 7.73 52.33
N PRO F 198 -6.26 6.65 52.13
CA PRO F 198 -6.48 5.91 50.88
C PRO F 198 -7.84 5.23 50.84
N MET F 199 -8.32 4.78 52.00
CA MET F 199 -9.65 4.19 52.09
C MET F 199 -10.72 5.23 51.81
N LEU F 200 -10.51 6.45 52.28
CA LEU F 200 -11.44 7.54 52.06
C LEU F 200 -11.54 7.86 50.57
N HIS F 201 -10.39 7.84 49.89
CA HIS F 201 -10.35 8.13 48.46
C HIS F 201 -11.00 7.02 47.64
N LEU F 202 -10.78 5.78 48.05
CA LEU F 202 -11.31 4.62 47.33
C LEU F 202 -12.84 4.61 47.36
N PHE F 203 -13.40 4.88 48.53
CA PHE F 203 -14.86 4.87 48.68
C PHE F 203 -15.49 6.16 48.18
N GLU F 204 -14.69 7.20 48.04
CA GLU F 204 -15.18 8.47 47.50
C GLU F 204 -15.38 8.36 46.00
N ASP F 205 -14.44 7.69 45.33
CA ASP F 205 -14.50 7.50 43.90
C ASP F 205 -15.53 6.43 43.53
N ILE F 206 -15.65 5.42 44.39
CA ILE F 206 -16.60 4.33 44.17
C ILE F 206 -18.04 4.80 44.37
N SER F 207 -18.21 5.85 45.18
CA SER F 207 -19.53 6.40 45.44
C SER F 207 -19.90 7.48 44.42
N ASN F 208 -19.00 7.70 43.47
CA ASN F 208 -19.24 8.68 42.42
C ASN F 208 -19.38 8.02 41.06
N PRO F 209 -20.60 8.05 40.50
CA PRO F 209 -20.91 7.47 39.19
C PRO F 209 -20.08 8.10 38.08
N GLU F 210 -19.86 9.41 38.17
CA GLU F 210 -19.07 10.13 37.18
C GLU F 210 -17.61 9.70 37.24
N LYS F 211 -17.06 9.65 38.45
CA LYS F 211 -15.67 9.23 38.65
C LYS F 211 -15.50 7.77 38.25
N VAL F 212 -16.55 6.98 38.43
CA VAL F 212 -16.54 5.58 38.02
C VAL F 212 -16.55 5.48 36.50
N GLY F 213 -17.14 6.48 35.85
CA GLY F 213 -17.17 6.53 34.41
C GLY F 213 -15.83 6.94 33.82
N ILE F 214 -15.12 7.80 34.55
CA ILE F 214 -13.79 8.23 34.13
C ILE F 214 -12.78 7.11 34.29
N LEU F 215 -12.85 6.41 35.42
CA LEU F 215 -11.93 5.32 35.71
C LEU F 215 -12.14 4.14 34.78
N LYS F 216 -13.33 4.06 34.17
CA LYS F 216 -13.66 2.98 33.25
C LYS F 216 -12.95 3.19 31.91
N GLU F 217 -12.55 4.42 31.64
CA GLU F 217 -11.87 4.76 30.39
C GLU F 217 -10.37 4.46 30.47
N PHE F 218 -9.91 4.05 31.65
CA PHE F 218 -8.50 3.76 31.88
C PHE F 218 -8.32 2.36 32.44
C1 EDO G . 26.90 -12.16 -38.22
O1 EDO G . 26.49 -10.85 -38.63
C2 EDO G . 25.74 -12.86 -37.52
O2 EDO G . 24.64 -12.98 -38.43
C1 EDO H . -14.35 -2.28 -10.53
O1 EDO H . -13.65 -1.03 -10.55
C2 EDO H . -15.09 -2.48 -11.86
O2 EDO H . -15.67 -3.78 -11.89
C1 EDO I . 4.44 9.92 30.38
O1 EDO I . 3.97 11.24 30.05
C2 EDO I . 4.32 9.71 31.89
O2 EDO I . 5.10 10.69 32.57
#